data_2JTB
#
_entry.id   2JTB
#
_entity_poly.entity_id   1
_entity_poly.type   'polypeptide(L)'
_entity_poly.pdbx_seq_one_letter_code
;GCKGFGDSCTPGKNECCPNYACSSKHKWCKVYL
;
_entity_poly.pdbx_strand_id   A
#
# COMPACT_ATOMS: atom_id res chain seq x y z
N GLY A 1 -13.54 -1.00 -1.40
CA GLY A 1 -13.00 0.13 -0.60
C GLY A 1 -11.49 0.23 -0.80
N CYS A 2 -10.75 0.50 0.25
CA CYS A 2 -9.27 0.61 0.14
C CYS A 2 -8.61 -0.76 0.35
N LYS A 3 -7.31 -0.83 0.25
CA LYS A 3 -6.60 -2.13 0.46
C LYS A 3 -6.21 -2.29 1.93
N GLY A 4 -5.43 -3.30 2.24
CA GLY A 4 -5.01 -3.51 3.66
C GLY A 4 -3.51 -3.78 3.72
N PHE A 5 -3.13 -5.02 3.94
CA PHE A 5 -1.68 -5.37 4.03
C PHE A 5 -1.33 -6.46 3.00
N GLY A 6 -0.20 -6.33 2.36
CA GLY A 6 0.23 -7.35 1.34
C GLY A 6 -0.64 -7.22 0.08
N ASP A 7 -1.33 -6.11 -0.09
CA ASP A 7 -2.19 -5.93 -1.29
C ASP A 7 -1.39 -5.25 -2.41
N SER A 8 -1.78 -5.44 -3.65
CA SER A 8 -1.05 -4.81 -4.78
C SER A 8 -1.49 -3.34 -4.93
N CYS A 9 -0.79 -2.44 -4.28
CA CYS A 9 -1.16 -0.98 -4.39
C CYS A 9 -0.09 -0.21 -5.16
N THR A 10 -0.47 0.83 -5.86
CA THR A 10 0.51 1.63 -6.63
C THR A 10 0.98 2.84 -5.81
N PRO A 11 2.28 2.99 -5.71
CA PRO A 11 2.85 4.13 -4.95
C PRO A 11 2.61 5.45 -5.70
N GLY A 12 2.06 6.43 -5.03
CA GLY A 12 1.76 7.73 -5.70
C GLY A 12 0.27 7.81 -6.00
N LYS A 13 -0.38 6.67 -6.17
CA LYS A 13 -1.84 6.66 -6.46
C LYS A 13 -2.65 6.49 -5.17
N ASN A 14 -2.00 6.20 -4.06
CA ASN A 14 -2.74 6.01 -2.77
C ASN A 14 -3.85 4.96 -2.93
N GLU A 15 -3.49 3.77 -3.34
CA GLU A 15 -4.52 2.69 -3.51
C GLU A 15 -4.86 2.06 -2.16
N CYS A 16 -3.91 1.99 -1.26
CA CYS A 16 -4.17 1.39 0.09
C CYS A 16 -4.82 2.42 1.01
N CYS A 17 -5.37 1.97 2.11
CA CYS A 17 -6.02 2.92 3.08
C CYS A 17 -4.96 3.87 3.68
N PRO A 18 -5.43 4.91 4.33
CA PRO A 18 -4.51 5.89 4.95
C PRO A 18 -3.93 5.35 6.27
N ASN A 19 -3.44 4.14 6.25
CA ASN A 19 -2.84 3.53 7.46
C ASN A 19 -1.68 2.60 7.04
N TYR A 20 -1.22 2.70 5.80
CA TYR A 20 -0.10 1.83 5.34
C TYR A 20 0.82 2.59 4.36
N ALA A 21 1.96 2.03 4.07
CA ALA A 21 2.90 2.70 3.12
C ALA A 21 3.11 1.81 1.89
N CYS A 22 2.68 2.27 0.74
CA CYS A 22 2.85 1.45 -0.50
C CYS A 22 4.33 1.32 -0.87
N SER A 23 4.79 0.12 -1.09
CA SER A 23 6.22 -0.09 -1.46
C SER A 23 6.43 0.13 -2.96
N SER A 24 7.62 0.52 -3.35
CA SER A 24 7.91 0.76 -4.80
C SER A 24 8.69 -0.42 -5.40
N LYS A 25 9.10 -1.37 -4.60
CA LYS A 25 9.87 -2.54 -5.14
C LYS A 25 8.94 -3.48 -5.90
N HIS A 26 7.92 -3.96 -5.25
CA HIS A 26 6.94 -4.88 -5.94
C HIS A 26 5.51 -4.31 -5.87
N LYS A 27 5.37 -3.05 -5.56
CA LYS A 27 4.02 -2.42 -5.48
C LYS A 27 3.10 -3.15 -4.49
N TRP A 28 3.56 -3.36 -3.28
CA TRP A 28 2.70 -4.06 -2.27
C TRP A 28 2.42 -3.13 -1.08
N CYS A 29 1.37 -3.36 -0.36
CA CYS A 29 1.04 -2.48 0.80
C CYS A 29 1.60 -3.06 2.11
N LYS A 30 2.09 -2.21 2.97
CA LYS A 30 2.65 -2.68 4.27
C LYS A 30 2.54 -1.58 5.33
N VAL A 31 2.72 -1.90 6.57
CA VAL A 31 2.61 -0.87 7.64
C VAL A 31 3.76 0.14 7.52
N TYR A 32 3.62 1.29 8.12
CA TYR A 32 4.71 2.32 8.05
C TYR A 32 5.56 2.32 9.33
N LEU A 33 5.47 1.28 10.13
CA LEU A 33 6.27 1.21 11.38
C LEU A 33 7.69 0.70 11.07
N GLY A 1 -13.65 -0.93 1.31
CA GLY A 1 -13.28 0.49 1.06
C GLY A 1 -11.92 0.55 0.37
N CYS A 2 -10.88 0.14 1.05
CA CYS A 2 -9.51 0.18 0.44
C CYS A 2 -8.77 -1.14 0.72
N LYS A 3 -7.56 -1.27 0.22
CA LYS A 3 -6.77 -2.53 0.45
C LYS A 3 -6.31 -2.63 1.92
N GLY A 4 -5.94 -3.80 2.34
CA GLY A 4 -5.48 -3.98 3.75
C GLY A 4 -3.95 -4.05 3.80
N PHE A 5 -3.37 -5.14 3.35
CA PHE A 5 -1.88 -5.27 3.37
C PHE A 5 -1.43 -6.39 2.40
N GLY A 6 -0.42 -6.12 1.61
CA GLY A 6 0.06 -7.17 0.65
C GLY A 6 -0.64 -7.03 -0.70
N ASP A 7 -1.68 -6.23 -0.79
CA ASP A 7 -2.40 -6.07 -2.09
C ASP A 7 -1.58 -5.22 -3.05
N SER A 8 -1.41 -5.67 -4.27
CA SER A 8 -0.61 -4.89 -5.27
C SER A 8 -1.27 -3.52 -5.51
N CYS A 9 -0.52 -2.46 -5.33
CA CYS A 9 -1.08 -1.09 -5.53
C CYS A 9 -0.10 -0.23 -6.35
N THR A 10 -0.57 0.87 -6.88
CA THR A 10 0.33 1.75 -7.70
C THR A 10 1.05 2.76 -6.79
N PRO A 11 2.35 2.87 -6.98
CA PRO A 11 3.14 3.82 -6.16
C PRO A 11 2.83 5.26 -6.58
N GLY A 12 2.51 6.10 -5.62
CA GLY A 12 2.17 7.51 -5.95
C GLY A 12 0.64 7.69 -5.89
N LYS A 13 -0.10 6.62 -6.08
CA LYS A 13 -1.58 6.72 -6.04
C LYS A 13 -2.10 6.39 -4.63
N ASN A 14 -1.47 5.44 -3.97
CA ASN A 14 -1.89 5.04 -2.59
C ASN A 14 -3.37 4.62 -2.56
N GLU A 15 -3.65 3.39 -2.89
CA GLU A 15 -5.06 2.91 -2.90
C GLU A 15 -5.39 2.10 -1.63
N CYS A 16 -4.44 1.96 -0.72
CA CYS A 16 -4.71 1.17 0.52
C CYS A 16 -5.33 2.06 1.62
N CYS A 17 -5.73 1.45 2.71
CA CYS A 17 -6.35 2.22 3.82
C CYS A 17 -5.27 3.02 4.57
N PRO A 18 -5.68 3.84 5.52
CA PRO A 18 -4.73 4.65 6.31
C PRO A 18 -3.86 3.74 7.17
N ASN A 19 -2.74 4.25 7.65
CA ASN A 19 -1.78 3.45 8.47
C ASN A 19 -1.00 2.49 7.57
N TYR A 20 -1.21 2.55 6.27
CA TYR A 20 -0.45 1.66 5.34
C TYR A 20 0.19 2.50 4.23
N ALA A 21 1.40 2.18 3.85
CA ALA A 21 2.09 2.95 2.77
C ALA A 21 2.50 2.01 1.63
N CYS A 22 2.12 2.33 0.41
CA CYS A 22 2.48 1.45 -0.75
C CYS A 22 4.00 1.50 -1.00
N SER A 23 4.66 0.38 -0.89
CA SER A 23 6.15 0.36 -1.11
C SER A 23 6.48 0.40 -2.61
N SER A 24 7.65 0.88 -2.96
CA SER A 24 8.05 0.95 -4.40
C SER A 24 8.59 -0.41 -4.86
N LYS A 25 9.56 -0.94 -4.16
CA LYS A 25 10.13 -2.27 -4.53
C LYS A 25 9.07 -3.37 -4.38
N HIS A 26 8.32 -3.32 -3.31
CA HIS A 26 7.25 -4.34 -3.10
C HIS A 26 6.06 -4.07 -4.03
N LYS A 27 5.80 -2.82 -4.32
CA LYS A 27 4.67 -2.45 -5.23
C LYS A 27 3.31 -2.85 -4.63
N TRP A 28 3.24 -3.11 -3.35
CA TRP A 28 1.93 -3.47 -2.73
C TRP A 28 1.72 -2.71 -1.42
N CYS A 29 0.56 -2.83 -0.82
CA CYS A 29 0.28 -2.10 0.44
C CYS A 29 1.15 -2.63 1.59
N LYS A 30 1.90 -1.75 2.21
CA LYS A 30 2.76 -2.18 3.35
C LYS A 30 2.38 -1.40 4.61
N VAL A 31 2.83 -1.85 5.76
CA VAL A 31 2.49 -1.12 7.03
C VAL A 31 3.49 0.02 7.26
N TYR A 32 3.15 0.94 8.13
CA TYR A 32 4.07 2.10 8.40
C TYR A 32 5.33 1.62 9.13
N LEU A 33 5.19 0.68 10.04
CA LEU A 33 6.37 0.15 10.78
C LEU A 33 6.51 -1.36 10.58
N GLY A 1 -14.22 0.44 -0.25
CA GLY A 1 -13.23 -0.38 0.52
C GLY A 1 -11.81 0.01 0.12
N CYS A 2 -10.84 -0.35 0.93
CA CYS A 2 -9.42 0.00 0.60
C CYS A 2 -8.52 -1.24 0.74
N LYS A 3 -7.24 -1.09 0.52
CA LYS A 3 -6.31 -2.25 0.63
C LYS A 3 -5.61 -2.24 2.00
N GLY A 4 -5.41 -3.40 2.58
CA GLY A 4 -4.76 -3.47 3.93
C GLY A 4 -3.26 -3.78 3.75
N PHE A 5 -2.87 -5.01 4.01
CA PHE A 5 -1.42 -5.39 3.87
C PHE A 5 -1.25 -6.48 2.81
N GLY A 6 -0.23 -6.35 1.98
CA GLY A 6 0.01 -7.38 0.92
C GLY A 6 -0.95 -7.16 -0.26
N ASP A 7 -1.62 -6.03 -0.32
CA ASP A 7 -2.56 -5.77 -1.45
C ASP A 7 -1.84 -5.07 -2.60
N SER A 8 -2.09 -5.48 -3.82
CA SER A 8 -1.42 -4.84 -5.00
C SER A 8 -1.75 -3.35 -5.06
N CYS A 9 -0.76 -2.50 -5.01
CA CYS A 9 -1.01 -1.03 -5.06
C CYS A 9 0.02 -0.34 -5.96
N THR A 10 -0.30 0.85 -6.41
CA THR A 10 0.64 1.61 -7.29
C THR A 10 1.34 2.72 -6.49
N PRO A 11 2.65 2.78 -6.60
CA PRO A 11 3.43 3.81 -5.87
C PRO A 11 3.17 5.20 -6.46
N GLY A 12 2.82 6.14 -5.61
CA GLY A 12 2.52 7.52 -6.11
C GLY A 12 1.01 7.72 -6.17
N LYS A 13 0.25 6.64 -6.29
CA LYS A 13 -1.24 6.78 -6.35
C LYS A 13 -1.86 6.50 -4.98
N ASN A 14 -1.20 5.73 -4.14
CA ASN A 14 -1.74 5.42 -2.78
C ASN A 14 -3.13 4.76 -2.87
N GLU A 15 -3.16 3.48 -3.13
CA GLU A 15 -4.47 2.75 -3.23
C GLU A 15 -4.78 2.00 -1.92
N CYS A 16 -3.93 2.10 -0.92
CA CYS A 16 -4.20 1.38 0.37
C CYS A 16 -4.87 2.32 1.36
N CYS A 17 -5.41 1.79 2.44
CA CYS A 17 -6.09 2.66 3.47
C CYS A 17 -5.05 3.56 4.14
N PRO A 18 -5.53 4.49 4.94
CA PRO A 18 -4.62 5.43 5.65
C PRO A 18 -3.95 4.76 6.86
N ASN A 19 -3.45 3.57 6.67
CA ASN A 19 -2.75 2.84 7.77
C ASN A 19 -1.60 2.00 7.19
N TYR A 20 -1.20 2.27 5.97
CA TYR A 20 -0.09 1.48 5.34
C TYR A 20 0.78 2.40 4.47
N ALA A 21 1.72 1.83 3.76
CA ALA A 21 2.60 2.65 2.88
C ALA A 21 2.87 1.90 1.57
N CYS A 22 2.33 2.39 0.48
CA CYS A 22 2.54 1.70 -0.84
C CYS A 22 4.01 1.84 -1.27
N SER A 23 4.67 0.73 -1.52
CA SER A 23 6.10 0.78 -1.94
C SER A 23 6.21 0.58 -3.46
N SER A 24 7.28 1.05 -4.06
CA SER A 24 7.46 0.89 -5.53
C SER A 24 8.14 -0.45 -5.83
N LYS A 25 9.18 -0.77 -5.11
CA LYS A 25 9.89 -2.07 -5.34
C LYS A 25 8.97 -3.24 -5.01
N HIS A 26 8.22 -3.14 -3.94
CA HIS A 26 7.28 -4.23 -3.56
C HIS A 26 5.97 -4.10 -4.35
N LYS A 27 5.57 -2.90 -4.66
CA LYS A 27 4.32 -2.66 -5.44
C LYS A 27 3.06 -3.11 -4.68
N TRP A 28 3.11 -3.15 -3.35
CA TRP A 28 1.90 -3.57 -2.58
C TRP A 28 1.75 -2.72 -1.31
N CYS A 29 0.66 -2.91 -0.58
CA CYS A 29 0.44 -2.13 0.67
C CYS A 29 1.18 -2.77 1.84
N LYS A 30 2.02 -2.03 2.51
CA LYS A 30 2.77 -2.60 3.68
C LYS A 30 2.83 -1.57 4.81
N VAL A 31 2.76 -2.02 6.04
CA VAL A 31 2.82 -1.06 7.19
C VAL A 31 4.16 -0.33 7.21
N TYR A 32 4.16 0.90 7.65
CA TYR A 32 5.44 1.69 7.73
C TYR A 32 6.11 1.51 9.09
N LEU A 33 5.37 1.13 10.11
CA LEU A 33 5.97 0.94 11.46
C LEU A 33 6.31 -0.54 11.68
N GLY A 1 -13.33 1.40 -1.20
CA GLY A 1 -12.70 0.06 -1.01
C GLY A 1 -11.18 0.19 -1.00
N CYS A 2 -10.59 0.31 0.16
CA CYS A 2 -9.10 0.44 0.24
C CYS A 2 -8.45 -0.93 0.43
N LYS A 3 -7.15 -1.02 0.21
CA LYS A 3 -6.44 -2.32 0.37
C LYS A 3 -5.95 -2.47 1.81
N GLY A 4 -5.68 -3.69 2.23
CA GLY A 4 -5.20 -3.93 3.62
C GLY A 4 -3.68 -4.13 3.61
N PHE A 5 -3.25 -5.38 3.62
CA PHE A 5 -1.78 -5.66 3.62
C PHE A 5 -1.44 -6.70 2.54
N GLY A 6 -0.37 -6.50 1.81
CA GLY A 6 0.02 -7.47 0.75
C GLY A 6 -0.79 -7.24 -0.53
N ASP A 7 -1.54 -6.16 -0.60
CA ASP A 7 -2.36 -5.88 -1.83
C ASP A 7 -1.55 -5.04 -2.82
N SER A 8 -1.44 -5.49 -4.05
CA SER A 8 -0.66 -4.72 -5.08
C SER A 8 -1.32 -3.35 -5.31
N CYS A 9 -0.64 -2.29 -4.93
CA CYS A 9 -1.21 -0.92 -5.12
C CYS A 9 -0.22 -0.03 -5.89
N THR A 10 -0.69 1.03 -6.47
CA THR A 10 0.22 1.94 -7.23
C THR A 10 1.07 2.77 -6.27
N PRO A 11 2.38 2.70 -6.45
CA PRO A 11 3.31 3.46 -5.58
C PRO A 11 3.21 4.95 -5.89
N GLY A 12 3.03 5.76 -4.88
CA GLY A 12 2.90 7.23 -5.11
C GLY A 12 1.42 7.62 -4.99
N LYS A 13 0.52 6.71 -5.30
CA LYS A 13 -0.93 7.02 -5.19
C LYS A 13 -1.50 6.49 -3.86
N ASN A 14 -0.85 5.53 -3.25
CA ASN A 14 -1.33 4.96 -1.95
C ASN A 14 -2.76 4.41 -2.09
N GLU A 15 -2.94 3.39 -2.90
CA GLU A 15 -4.30 2.80 -3.08
C GLU A 15 -4.73 2.04 -1.81
N CYS A 16 -3.84 1.86 -0.86
CA CYS A 16 -4.20 1.13 0.39
C CYS A 16 -4.89 2.08 1.37
N CYS A 17 -5.44 1.56 2.44
CA CYS A 17 -6.12 2.43 3.46
C CYS A 17 -5.08 3.32 4.15
N PRO A 18 -5.55 4.26 4.95
CA PRO A 18 -4.62 5.18 5.66
C PRO A 18 -3.97 4.48 6.87
N ASN A 19 -3.45 3.30 6.66
CA ASN A 19 -2.77 2.55 7.74
C ASN A 19 -1.59 1.74 7.18
N TYR A 20 -1.20 2.00 5.94
CA TYR A 20 -0.07 1.25 5.32
C TYR A 20 0.69 2.16 4.35
N ALA A 21 1.88 1.76 3.95
CA ALA A 21 2.67 2.58 2.99
C ALA A 21 3.07 1.72 1.78
N CYS A 22 2.54 2.02 0.62
CA CYS A 22 2.87 1.21 -0.59
C CYS A 22 4.35 1.39 -0.96
N SER A 23 5.09 0.32 -1.09
CA SER A 23 6.54 0.42 -1.43
C SER A 23 6.73 0.38 -2.96
N SER A 24 7.93 0.64 -3.43
CA SER A 24 8.20 0.61 -4.90
C SER A 24 8.66 -0.79 -5.31
N LYS A 25 9.64 -1.32 -4.62
CA LYS A 25 10.15 -2.70 -4.95
C LYS A 25 9.07 -3.74 -4.67
N HIS A 26 8.34 -3.56 -3.59
CA HIS A 26 7.25 -4.53 -3.23
C HIS A 26 5.98 -4.18 -4.02
N LYS A 27 5.73 -2.91 -4.20
CA LYS A 27 4.52 -2.45 -4.96
C LYS A 27 3.21 -2.89 -4.28
N TRP A 28 3.23 -3.25 -3.02
CA TRP A 28 1.98 -3.65 -2.33
C TRP A 28 1.80 -2.88 -1.02
N CYS A 29 0.69 -3.08 -0.35
CA CYS A 29 0.44 -2.35 0.94
C CYS A 29 1.22 -3.00 2.09
N LYS A 30 2.10 -2.26 2.71
CA LYS A 30 2.89 -2.84 3.85
C LYS A 30 2.93 -1.83 5.01
N VAL A 31 2.94 -2.31 6.22
CA VAL A 31 2.98 -1.39 7.41
C VAL A 31 4.27 -0.56 7.39
N TYR A 32 4.21 0.65 7.90
CA TYR A 32 5.41 1.54 7.92
C TYR A 32 5.62 2.16 9.31
N LEU A 33 4.56 2.47 10.00
CA LEU A 33 4.69 3.07 11.37
C LEU A 33 4.87 1.98 12.43
N GLY A 1 -14.06 -1.16 -0.46
CA GLY A 1 -13.17 -1.36 0.72
C GLY A 1 -11.72 -1.08 0.32
N CYS A 2 -10.93 -0.51 1.21
CA CYS A 2 -9.51 -0.20 0.88
C CYS A 2 -8.64 -1.47 1.00
N LYS A 3 -7.35 -1.33 0.84
CA LYS A 3 -6.44 -2.52 0.94
C LYS A 3 -5.68 -2.50 2.28
N GLY A 4 -5.49 -3.65 2.87
CA GLY A 4 -4.76 -3.72 4.18
C GLY A 4 -3.26 -3.86 3.92
N PHE A 5 -2.71 -5.02 4.15
CA PHE A 5 -1.24 -5.23 3.94
C PHE A 5 -1.00 -6.38 2.95
N GLY A 6 -0.14 -6.17 1.99
CA GLY A 6 0.16 -7.24 0.99
C GLY A 6 -0.68 -7.03 -0.29
N ASP A 7 -1.76 -6.28 -0.20
CA ASP A 7 -2.60 -6.04 -1.41
C ASP A 7 -1.83 -5.21 -2.45
N SER A 8 -2.09 -5.44 -3.72
CA SER A 8 -1.37 -4.66 -4.79
C SER A 8 -1.56 -3.15 -4.57
N CYS A 9 -0.56 -2.37 -4.90
CA CYS A 9 -0.67 -0.89 -4.72
C CYS A 9 0.29 -0.16 -5.66
N THR A 10 0.01 1.09 -5.93
CA THR A 10 0.90 1.89 -6.83
C THR A 10 1.58 3.02 -6.03
N PRO A 11 2.88 3.10 -6.15
CA PRO A 11 3.65 4.15 -5.42
C PRO A 11 3.32 5.53 -5.99
N GLY A 12 2.94 6.45 -5.14
CA GLY A 12 2.57 7.82 -5.62
C GLY A 12 1.05 7.94 -5.65
N LYS A 13 0.35 6.85 -5.78
CA LYS A 13 -1.15 6.90 -5.83
C LYS A 13 -1.74 6.50 -4.47
N ASN A 14 -1.07 5.61 -3.75
CA ASN A 14 -1.59 5.15 -2.42
C ASN A 14 -2.99 4.55 -2.57
N GLU A 15 -3.08 3.32 -3.01
CA GLU A 15 -4.42 2.67 -3.18
C GLU A 15 -4.82 1.90 -1.91
N CYS A 16 -4.03 1.96 -0.87
CA CYS A 16 -4.37 1.22 0.39
C CYS A 16 -5.04 2.18 1.39
N CYS A 17 -5.50 1.67 2.51
CA CYS A 17 -6.16 2.54 3.53
C CYS A 17 -5.13 3.53 4.11
N PRO A 18 -5.60 4.46 4.90
CA PRO A 18 -4.70 5.47 5.52
C PRO A 18 -3.93 4.86 6.71
N ASN A 19 -3.36 3.70 6.50
CA ASN A 19 -2.57 3.02 7.58
C ASN A 19 -1.46 2.17 6.93
N TYR A 20 -1.15 2.42 5.68
CA TYR A 20 -0.09 1.62 5.00
C TYR A 20 0.72 2.50 4.03
N ALA A 21 1.99 2.24 3.91
CA ALA A 21 2.85 3.01 2.98
C ALA A 21 3.07 2.18 1.70
N CYS A 22 2.54 2.63 0.59
CA CYS A 22 2.71 1.87 -0.69
C CYS A 22 4.20 1.67 -1.02
N SER A 23 4.61 0.44 -1.28
CA SER A 23 6.04 0.18 -1.60
C SER A 23 6.27 0.20 -3.12
N SER A 24 7.46 0.55 -3.53
CA SER A 24 7.77 0.59 -5.00
C SER A 24 8.37 -0.74 -5.45
N LYS A 25 9.33 -1.24 -4.72
CA LYS A 25 9.98 -2.55 -5.09
C LYS A 25 8.97 -3.69 -4.90
N HIS A 26 8.21 -3.65 -3.85
CA HIS A 26 7.19 -4.73 -3.59
C HIS A 26 5.90 -4.42 -4.35
N LYS A 27 5.62 -3.16 -4.58
CA LYS A 27 4.37 -2.75 -5.32
C LYS A 27 3.09 -3.14 -4.57
N TRP A 28 3.12 -3.20 -3.26
CA TRP A 28 1.88 -3.54 -2.51
C TRP A 28 1.77 -2.71 -1.21
N CYS A 29 0.68 -2.84 -0.50
CA CYS A 29 0.49 -2.05 0.75
C CYS A 29 1.44 -2.52 1.85
N LYS A 30 2.32 -1.65 2.30
CA LYS A 30 3.28 -2.04 3.37
C LYS A 30 2.98 -1.25 4.65
N VAL A 31 2.71 -1.93 5.74
CA VAL A 31 2.40 -1.22 7.02
C VAL A 31 3.47 -0.17 7.35
N TYR A 32 3.05 1.03 7.69
CA TYR A 32 4.02 2.11 8.02
C TYR A 32 4.72 1.79 9.36
N LEU A 33 3.97 1.30 10.31
CA LEU A 33 4.58 0.96 11.64
C LEU A 33 5.30 -0.39 11.56
N GLY A 1 -13.53 0.05 1.29
CA GLY A 1 -13.05 -0.93 0.27
C GLY A 1 -11.63 -0.58 -0.16
N CYS A 2 -10.69 -0.66 0.75
CA CYS A 2 -9.27 -0.34 0.40
C CYS A 2 -8.37 -1.57 0.64
N LYS A 3 -7.13 -1.50 0.23
CA LYS A 3 -6.21 -2.66 0.44
C LYS A 3 -5.77 -2.72 1.91
N GLY A 4 -5.53 -3.90 2.42
CA GLY A 4 -5.11 -4.04 3.85
C GLY A 4 -3.59 -4.22 3.93
N PHE A 5 -3.12 -5.44 3.78
CA PHE A 5 -1.65 -5.69 3.85
C PHE A 5 -1.27 -6.81 2.87
N GLY A 6 -0.30 -6.56 2.02
CA GLY A 6 0.13 -7.60 1.04
C GLY A 6 -0.60 -7.41 -0.30
N ASP A 7 -1.64 -6.60 -0.33
CA ASP A 7 -2.39 -6.38 -1.61
C ASP A 7 -1.53 -5.55 -2.58
N SER A 8 -1.72 -5.75 -3.86
CA SER A 8 -0.93 -4.98 -4.87
C SER A 8 -1.48 -3.55 -4.97
N CYS A 9 -0.73 -2.58 -4.51
CA CYS A 9 -1.19 -1.16 -4.59
C CYS A 9 -0.27 -0.35 -5.51
N THR A 10 -0.67 0.85 -5.87
CA THR A 10 0.18 1.70 -6.76
C THR A 10 0.91 2.78 -5.95
N PRO A 11 2.21 2.82 -6.10
CA PRO A 11 3.03 3.83 -5.37
C PRO A 11 2.79 5.22 -5.97
N GLY A 12 2.49 6.18 -5.14
CA GLY A 12 2.21 7.56 -5.65
C GLY A 12 0.70 7.79 -5.71
N LYS A 13 -0.07 6.72 -5.85
CA LYS A 13 -1.55 6.87 -5.91
C LYS A 13 -2.18 6.55 -4.54
N ASN A 14 -1.45 5.89 -3.66
CA ASN A 14 -2.00 5.53 -2.32
C ASN A 14 -3.29 4.71 -2.46
N GLU A 15 -3.21 3.62 -3.18
CA GLU A 15 -4.42 2.74 -3.36
C GLU A 15 -4.80 2.09 -2.01
N CYS A 16 -3.82 1.79 -1.20
CA CYS A 16 -4.10 1.15 0.13
C CYS A 16 -4.70 2.19 1.09
N CYS A 17 -5.29 1.73 2.18
CA CYS A 17 -5.89 2.69 3.17
C CYS A 17 -4.80 3.60 3.75
N PRO A 18 -5.21 4.66 4.40
CA PRO A 18 -4.26 5.62 5.01
C PRO A 18 -3.67 5.06 6.32
N ASN A 19 -3.21 3.84 6.27
CA ASN A 19 -2.60 3.20 7.47
C ASN A 19 -1.43 2.30 7.05
N TYR A 20 -0.99 2.40 5.81
CA TYR A 20 0.14 1.55 5.33
C TYR A 20 1.03 2.33 4.36
N ALA A 21 2.12 1.73 3.94
CA ALA A 21 3.04 2.40 2.97
C ALA A 21 3.22 1.51 1.73
N CYS A 22 2.91 2.02 0.57
CA CYS A 22 3.06 1.19 -0.67
C CYS A 22 4.55 1.04 -1.04
N SER A 23 4.95 -0.14 -1.41
CA SER A 23 6.39 -0.37 -1.79
C SER A 23 6.57 -0.24 -3.30
N SER A 24 7.80 -0.08 -3.76
CA SER A 24 8.06 0.05 -5.21
C SER A 24 8.75 -1.22 -5.77
N LYS A 25 9.30 -2.06 -4.93
CA LYS A 25 9.98 -3.30 -5.42
C LYS A 25 8.97 -4.24 -6.08
N HIS A 26 7.85 -4.46 -5.43
CA HIS A 26 6.81 -5.37 -6.01
C HIS A 26 5.42 -4.72 -5.90
N LYS A 27 5.35 -3.43 -5.64
CA LYS A 27 4.04 -2.73 -5.52
C LYS A 27 3.10 -3.45 -4.55
N TRP A 28 3.49 -3.58 -3.31
CA TRP A 28 2.60 -4.26 -2.31
C TRP A 28 2.37 -3.35 -1.09
N CYS A 29 1.26 -3.52 -0.42
CA CYS A 29 0.96 -2.65 0.76
C CYS A 29 1.59 -3.25 2.03
N LYS A 30 2.18 -2.42 2.85
CA LYS A 30 2.80 -2.92 4.12
C LYS A 30 2.75 -1.84 5.19
N VAL A 31 2.95 -2.21 6.44
CA VAL A 31 2.90 -1.18 7.53
C VAL A 31 4.11 -0.25 7.43
N TYR A 32 3.93 1.00 7.80
CA TYR A 32 5.05 1.98 7.75
C TYR A 32 5.70 2.14 9.13
N LEU A 33 4.96 1.89 10.19
CA LEU A 33 5.54 2.03 11.57
C LEU A 33 5.98 0.66 12.10
N GLY A 1 -13.20 -0.15 0.22
CA GLY A 1 -12.79 0.57 -1.03
C GLY A 1 -11.27 0.59 -1.14
N CYS A 2 -10.59 1.15 -0.18
CA CYS A 2 -9.09 1.22 -0.22
C CYS A 2 -8.50 -0.19 -0.02
N LYS A 3 -7.22 -0.34 -0.27
CA LYS A 3 -6.57 -1.68 -0.10
C LYS A 3 -6.21 -1.92 1.38
N GLY A 4 -5.66 -3.06 1.68
CA GLY A 4 -5.29 -3.36 3.10
C GLY A 4 -3.79 -3.68 3.20
N PHE A 5 -3.44 -4.93 3.30
CA PHE A 5 -1.99 -5.32 3.40
C PHE A 5 -1.66 -6.41 2.39
N GLY A 6 -0.51 -6.34 1.77
CA GLY A 6 -0.10 -7.37 0.77
C GLY A 6 -0.83 -7.13 -0.57
N ASP A 7 -1.52 -6.03 -0.71
CA ASP A 7 -2.25 -5.75 -1.98
C ASP A 7 -1.35 -4.97 -2.94
N SER A 8 -1.37 -5.31 -4.21
CA SER A 8 -0.52 -4.57 -5.20
C SER A 8 -1.08 -3.16 -5.43
N CYS A 9 -0.69 -2.21 -4.61
CA CYS A 9 -1.20 -0.82 -4.76
C CYS A 9 -0.22 0.02 -5.59
N THR A 10 -0.73 0.95 -6.35
CA THR A 10 0.16 1.80 -7.20
C THR A 10 0.71 2.97 -6.38
N PRO A 11 2.01 3.13 -6.38
CA PRO A 11 2.64 4.23 -5.62
C PRO A 11 2.37 5.57 -6.31
N GLY A 12 1.83 6.51 -5.57
CA GLY A 12 1.49 7.84 -6.17
C GLY A 12 -0.02 7.91 -6.42
N LYS A 13 -0.67 6.78 -6.54
CA LYS A 13 -2.14 6.78 -6.77
C LYS A 13 -2.92 6.78 -5.44
N ASN A 14 -2.27 6.41 -4.36
CA ASN A 14 -2.95 6.37 -3.03
C ASN A 14 -4.15 5.42 -3.06
N GLU A 15 -3.89 4.13 -3.16
CA GLU A 15 -5.01 3.14 -3.21
C GLU A 15 -5.25 2.55 -1.81
N CYS A 16 -4.20 2.33 -1.06
CA CYS A 16 -4.36 1.75 0.31
C CYS A 16 -4.90 2.80 1.28
N CYS A 17 -5.53 2.37 2.35
CA CYS A 17 -6.09 3.33 3.36
C CYS A 17 -4.94 3.99 4.14
N PRO A 18 -5.29 4.95 4.97
CA PRO A 18 -4.26 5.66 5.79
C PRO A 18 -3.80 4.79 6.98
N ASN A 19 -3.47 3.56 6.72
CA ASN A 19 -2.99 2.65 7.79
C ASN A 19 -1.84 1.77 7.26
N TYR A 20 -1.36 2.03 6.06
CA TYR A 20 -0.25 1.22 5.48
C TYR A 20 0.65 2.10 4.61
N ALA A 21 1.58 1.49 3.92
CA ALA A 21 2.50 2.28 3.04
C ALA A 21 2.78 1.50 1.74
N CYS A 22 2.50 2.09 0.61
CA CYS A 22 2.75 1.38 -0.70
C CYS A 22 4.26 1.25 -0.93
N SER A 23 4.74 0.04 -1.09
CA SER A 23 6.20 -0.17 -1.31
C SER A 23 6.57 0.13 -2.77
N SER A 24 7.78 0.57 -3.01
CA SER A 24 8.22 0.88 -4.41
C SER A 24 8.83 -0.36 -5.07
N LYS A 25 9.75 -1.01 -4.40
CA LYS A 25 10.39 -2.23 -4.98
C LYS A 25 9.45 -3.44 -4.83
N HIS A 26 8.71 -3.49 -3.76
CA HIS A 26 7.76 -4.63 -3.54
C HIS A 26 6.44 -4.38 -4.27
N LYS A 27 6.07 -3.12 -4.41
CA LYS A 27 4.79 -2.76 -5.12
C LYS A 27 3.53 -3.18 -4.34
N TRP A 28 3.67 -3.75 -3.16
CA TRP A 28 2.45 -4.14 -2.38
C TRP A 28 2.25 -3.22 -1.18
N CYS A 29 1.14 -3.33 -0.51
CA CYS A 29 0.88 -2.46 0.68
C CYS A 29 1.48 -3.10 1.94
N LYS A 30 2.26 -2.34 2.69
CA LYS A 30 2.87 -2.90 3.92
C LYS A 30 2.71 -1.91 5.09
N VAL A 31 2.59 -2.42 6.29
CA VAL A 31 2.42 -1.51 7.48
C VAL A 31 3.72 -0.76 7.77
N TYR A 32 3.63 0.33 8.48
CA TYR A 32 4.86 1.11 8.84
C TYR A 32 5.37 0.71 10.22
N LEU A 33 4.48 0.56 11.17
CA LEU A 33 4.89 0.15 12.55
C LEU A 33 4.18 -1.15 12.96
N GLY A 1 -14.05 0.82 -0.79
CA GLY A 1 -13.28 -0.30 -0.20
C GLY A 1 -11.80 -0.15 -0.55
N CYS A 2 -10.98 0.23 0.40
CA CYS A 2 -9.52 0.41 0.13
C CYS A 2 -8.78 -0.92 0.30
N LYS A 3 -7.51 -0.94 -0.03
CA LYS A 3 -6.71 -2.20 0.11
C LYS A 3 -6.23 -2.37 1.55
N GLY A 4 -5.97 -3.59 1.97
CA GLY A 4 -5.51 -3.83 3.37
C GLY A 4 -3.99 -4.06 3.38
N PHE A 5 -3.57 -5.29 3.53
CA PHE A 5 -2.11 -5.60 3.55
C PHE A 5 -1.77 -6.64 2.47
N GLY A 6 -0.63 -6.52 1.86
CA GLY A 6 -0.21 -7.51 0.80
C GLY A 6 -1.03 -7.25 -0.49
N ASP A 7 -1.65 -6.10 -0.61
CA ASP A 7 -2.44 -5.81 -1.84
C ASP A 7 -1.56 -5.10 -2.88
N SER A 8 -1.62 -5.54 -4.11
CA SER A 8 -0.78 -4.89 -5.18
C SER A 8 -1.31 -3.49 -5.49
N CYS A 9 -0.80 -2.48 -4.81
CA CYS A 9 -1.27 -1.09 -5.05
C CYS A 9 -0.26 -0.33 -5.92
N THR A 10 -0.68 0.75 -6.53
CA THR A 10 0.26 1.54 -7.38
C THR A 10 1.03 2.55 -6.53
N PRO A 11 2.34 2.50 -6.63
CA PRO A 11 3.18 3.44 -5.86
C PRO A 11 3.06 4.86 -6.41
N GLY A 12 2.75 5.80 -5.56
CA GLY A 12 2.59 7.21 -6.03
C GLY A 12 1.08 7.52 -6.13
N LYS A 13 0.26 6.51 -6.29
CA LYS A 13 -1.21 6.75 -6.39
C LYS A 13 -1.87 6.65 -5.00
N ASN A 14 -1.28 5.89 -4.11
CA ASN A 14 -1.86 5.74 -2.73
C ASN A 14 -3.29 5.21 -2.82
N GLU A 15 -3.45 3.95 -3.13
CA GLU A 15 -4.82 3.36 -3.23
C GLU A 15 -5.22 2.67 -1.92
N CYS A 16 -4.26 2.30 -1.10
CA CYS A 16 -4.60 1.64 0.21
C CYS A 16 -5.22 2.64 1.18
N CYS A 17 -5.68 2.18 2.31
CA CYS A 17 -6.30 3.11 3.32
C CYS A 17 -5.20 3.94 4.00
N PRO A 18 -5.60 4.92 4.77
CA PRO A 18 -4.63 5.79 5.47
C PRO A 18 -4.05 5.09 6.72
N ASN A 19 -3.65 3.85 6.55
CA ASN A 19 -3.06 3.09 7.68
C ASN A 19 -1.91 2.19 7.16
N TYR A 20 -1.47 2.40 5.94
CA TYR A 20 -0.37 1.57 5.38
C TYR A 20 0.57 2.43 4.52
N ALA A 21 1.53 1.81 3.88
CA ALA A 21 2.49 2.58 3.02
C ALA A 21 2.79 1.77 1.75
N CYS A 22 2.31 2.21 0.61
CA CYS A 22 2.56 1.48 -0.66
C CYS A 22 4.04 1.64 -1.05
N SER A 23 4.83 0.61 -0.85
CA SER A 23 6.27 0.68 -1.21
C SER A 23 6.47 0.54 -2.73
N SER A 24 7.51 1.14 -3.25
CA SER A 24 7.78 1.05 -4.72
C SER A 24 8.54 -0.24 -5.03
N LYS A 25 9.52 -0.56 -4.22
CA LYS A 25 10.31 -1.82 -4.45
C LYS A 25 9.42 -3.04 -4.23
N HIS A 26 8.57 -3.00 -3.22
CA HIS A 26 7.67 -4.15 -2.95
C HIS A 26 6.40 -4.06 -3.82
N LYS A 27 5.95 -2.85 -4.08
CA LYS A 27 4.73 -2.63 -4.93
C LYS A 27 3.45 -3.16 -4.26
N TRP A 28 3.49 -3.47 -2.98
CA TRP A 28 2.25 -3.96 -2.29
C TRP A 28 1.96 -3.10 -1.05
N CYS A 29 0.81 -3.30 -0.45
CA CYS A 29 0.45 -2.50 0.76
C CYS A 29 1.13 -3.08 2.01
N LYS A 30 1.83 -2.25 2.75
CA LYS A 30 2.52 -2.74 3.99
C LYS A 30 2.62 -1.59 5.01
N VAL A 31 2.60 -1.92 6.28
CA VAL A 31 2.69 -0.87 7.33
C VAL A 31 3.94 -0.01 7.13
N TYR A 32 3.83 1.28 7.33
CA TYR A 32 5.00 2.19 7.16
C TYR A 32 6.10 1.89 8.20
N LEU A 33 5.73 1.33 9.33
CA LEU A 33 6.75 1.01 10.37
C LEU A 33 7.48 -0.28 10.02
N GLY A 1 -13.52 -1.36 1.04
CA GLY A 1 -13.17 0.03 0.63
C GLY A 1 -11.69 0.10 0.25
N CYS A 2 -10.82 -0.01 1.22
CA CYS A 2 -9.36 0.06 0.92
C CYS A 2 -8.72 -1.34 0.99
N LYS A 3 -7.42 -1.41 0.86
CA LYS A 3 -6.72 -2.73 0.93
C LYS A 3 -6.16 -2.95 2.35
N GLY A 4 -5.42 -4.02 2.56
CA GLY A 4 -4.86 -4.28 3.91
C GLY A 4 -3.36 -4.55 3.80
N PHE A 5 -2.96 -5.80 3.79
CA PHE A 5 -1.51 -6.13 3.71
C PHE A 5 -1.23 -7.06 2.52
N GLY A 6 -0.14 -6.85 1.82
CA GLY A 6 0.20 -7.72 0.65
C GLY A 6 -0.70 -7.40 -0.54
N ASP A 7 -1.35 -6.26 -0.54
CA ASP A 7 -2.25 -5.89 -1.67
C ASP A 7 -1.46 -5.11 -2.73
N SER A 8 -1.64 -5.43 -3.98
CA SER A 8 -0.91 -4.71 -5.07
C SER A 8 -1.33 -3.23 -5.09
N CYS A 9 -0.42 -2.34 -4.77
CA CYS A 9 -0.76 -0.89 -4.77
C CYS A 9 0.20 -0.10 -5.67
N THR A 10 -0.16 1.10 -6.02
CA THR A 10 0.72 1.94 -6.89
C THR A 10 1.40 3.04 -6.05
N PRO A 11 2.68 3.18 -6.21
CA PRO A 11 3.43 4.22 -5.46
C PRO A 11 3.08 5.61 -5.98
N GLY A 12 2.69 6.49 -5.09
CA GLY A 12 2.29 7.86 -5.52
C GLY A 12 0.77 7.94 -5.61
N LYS A 13 0.12 6.82 -5.83
CA LYS A 13 -1.37 6.81 -5.92
C LYS A 13 -2.01 6.36 -4.59
N ASN A 14 -1.29 5.56 -3.82
CA ASN A 14 -1.82 5.07 -2.51
C ASN A 14 -3.14 4.32 -2.72
N GLU A 15 -3.07 3.10 -3.20
CA GLU A 15 -4.32 2.30 -3.43
C GLU A 15 -4.95 1.89 -2.11
N CYS A 16 -4.16 1.69 -1.08
CA CYS A 16 -4.73 1.28 0.24
C CYS A 16 -5.24 2.51 1.01
N CYS A 17 -5.78 2.31 2.19
CA CYS A 17 -6.29 3.46 2.99
C CYS A 17 -5.13 4.14 3.73
N PRO A 18 -5.44 5.19 4.47
CA PRO A 18 -4.39 5.92 5.23
C PRO A 18 -3.95 5.13 6.47
N ASN A 19 -3.64 3.87 6.30
CA ASN A 19 -3.17 3.03 7.44
C ASN A 19 -2.02 2.10 6.97
N TYR A 20 -1.53 2.29 5.77
CA TYR A 20 -0.42 1.42 5.26
C TYR A 20 0.51 2.22 4.35
N ALA A 21 1.57 1.61 3.89
CA ALA A 21 2.53 2.30 2.99
C ALA A 21 2.77 1.46 1.74
N CYS A 22 2.50 2.01 0.58
CA CYS A 22 2.71 1.24 -0.69
C CYS A 22 4.22 1.07 -0.95
N SER A 23 4.65 -0.12 -1.27
CA SER A 23 6.09 -0.37 -1.54
C SER A 23 6.39 -0.22 -3.04
N SER A 24 7.57 0.24 -3.37
CA SER A 24 7.94 0.41 -4.82
C SER A 24 8.82 -0.75 -5.30
N LYS A 25 9.23 -1.64 -4.43
CA LYS A 25 10.09 -2.78 -4.86
C LYS A 25 9.26 -3.78 -5.68
N HIS A 26 8.16 -4.22 -5.15
CA HIS A 26 7.29 -5.19 -5.90
C HIS A 26 5.83 -4.70 -5.92
N LYS A 27 5.61 -3.43 -5.65
CA LYS A 27 4.22 -2.86 -5.67
C LYS A 27 3.28 -3.63 -4.73
N TRP A 28 3.53 -3.55 -3.44
CA TRP A 28 2.63 -4.24 -2.46
C TRP A 28 2.39 -3.35 -1.24
N CYS A 29 1.29 -3.53 -0.56
CA CYS A 29 0.99 -2.66 0.61
C CYS A 29 1.48 -3.30 1.91
N LYS A 30 2.02 -2.49 2.80
CA LYS A 30 2.53 -3.00 4.10
C LYS A 30 2.44 -1.88 5.15
N VAL A 31 2.51 -2.21 6.42
CA VAL A 31 2.42 -1.15 7.47
C VAL A 31 3.58 -0.16 7.33
N TYR A 32 3.31 1.12 7.44
CA TYR A 32 4.39 2.15 7.31
C TYR A 32 5.25 2.18 8.59
N LEU A 33 4.69 1.82 9.72
CA LEU A 33 5.46 1.82 10.99
C LEU A 33 5.79 0.39 11.42
N GLY A 1 -12.81 0.65 -2.95
CA GLY A 1 -12.38 0.07 -1.64
C GLY A 1 -10.87 0.18 -1.48
N CYS A 2 -10.42 0.56 -0.31
CA CYS A 2 -8.94 0.69 -0.09
C CYS A 2 -8.33 -0.67 0.24
N LYS A 3 -7.09 -0.88 -0.12
CA LYS A 3 -6.42 -2.20 0.17
C LYS A 3 -6.06 -2.30 1.66
N GLY A 4 -5.72 -3.47 2.11
CA GLY A 4 -5.35 -3.65 3.55
C GLY A 4 -3.85 -3.91 3.68
N PHE A 5 -3.44 -5.16 3.59
CA PHE A 5 -1.99 -5.48 3.70
C PHE A 5 -1.61 -6.60 2.72
N GLY A 6 -0.52 -6.45 2.01
CA GLY A 6 -0.10 -7.50 1.03
C GLY A 6 -0.86 -7.34 -0.29
N ASP A 7 -1.60 -6.27 -0.45
CA ASP A 7 -2.36 -6.08 -1.73
C ASP A 7 -1.51 -5.28 -2.73
N SER A 8 -1.63 -5.58 -4.01
CA SER A 8 -0.82 -4.84 -5.03
C SER A 8 -1.29 -3.38 -5.11
N CYS A 9 -0.61 -2.49 -4.43
CA CYS A 9 -1.01 -1.04 -4.47
C CYS A 9 -0.10 -0.27 -5.44
N THR A 10 -0.57 0.85 -5.91
CA THR A 10 0.25 1.67 -6.85
C THR A 10 1.01 2.75 -6.09
N PRO A 11 2.31 2.80 -6.27
CA PRO A 11 3.15 3.80 -5.58
C PRO A 11 2.88 5.19 -6.16
N GLY A 12 2.57 6.15 -5.32
CA GLY A 12 2.27 7.52 -5.81
C GLY A 12 0.75 7.73 -5.80
N LYS A 13 0.00 6.66 -5.94
CA LYS A 13 -1.50 6.78 -5.94
C LYS A 13 -2.05 6.46 -4.55
N ASN A 14 -1.35 5.66 -3.77
CA ASN A 14 -1.82 5.30 -2.39
C ASN A 14 -3.21 4.65 -2.45
N GLU A 15 -3.32 3.52 -3.10
CA GLU A 15 -4.64 2.82 -3.19
C GLU A 15 -5.02 2.21 -1.84
N CYS A 16 -4.05 1.90 -1.01
CA CYS A 16 -4.35 1.30 0.33
C CYS A 16 -4.99 2.35 1.25
N CYS A 17 -5.59 1.91 2.33
CA CYS A 17 -6.23 2.86 3.28
C CYS A 17 -5.16 3.73 3.98
N PRO A 18 -5.61 4.75 4.68
CA PRO A 18 -4.67 5.66 5.38
C PRO A 18 -4.10 5.00 6.65
N ASN A 19 -3.59 3.81 6.52
CA ASN A 19 -3.00 3.09 7.68
C ASN A 19 -1.85 2.19 7.20
N TYR A 20 -1.37 2.40 5.99
CA TYR A 20 -0.26 1.54 5.47
C TYR A 20 0.72 2.37 4.62
N ALA A 21 1.61 1.71 3.93
CA ALA A 21 2.60 2.43 3.07
C ALA A 21 2.85 1.63 1.79
N CYS A 22 2.41 2.14 0.66
CA CYS A 22 2.61 1.41 -0.62
C CYS A 22 4.08 1.49 -1.07
N SER A 23 4.70 0.35 -1.31
CA SER A 23 6.14 0.35 -1.73
C SER A 23 6.25 0.24 -3.25
N SER A 24 7.30 0.78 -3.82
CA SER A 24 7.48 0.70 -5.30
C SER A 24 8.25 -0.57 -5.67
N LYS A 25 9.33 -0.85 -4.99
CA LYS A 25 10.13 -2.08 -5.29
C LYS A 25 9.32 -3.34 -4.93
N HIS A 26 8.41 -3.22 -4.00
CA HIS A 26 7.58 -4.39 -3.60
C HIS A 26 6.23 -4.36 -4.34
N LYS A 27 5.77 -3.19 -4.70
CA LYS A 27 4.48 -3.03 -5.44
C LYS A 27 3.28 -3.51 -4.62
N TRP A 28 3.42 -3.69 -3.31
CA TRP A 28 2.25 -4.13 -2.50
C TRP A 28 2.06 -3.20 -1.29
N CYS A 29 1.00 -3.39 -0.55
CA CYS A 29 0.74 -2.51 0.63
C CYS A 29 1.33 -3.13 1.91
N LYS A 30 1.97 -2.31 2.72
CA LYS A 30 2.57 -2.83 3.99
C LYS A 30 2.53 -1.75 5.07
N VAL A 31 2.49 -2.14 6.32
CA VAL A 31 2.46 -1.14 7.43
C VAL A 31 3.78 -0.36 7.50
N TYR A 32 3.74 0.86 8.00
CA TYR A 32 4.99 1.67 8.09
C TYR A 32 5.93 1.09 9.16
N LEU A 33 5.38 0.72 10.29
CA LEU A 33 6.22 0.14 11.39
C LEU A 33 5.95 -1.36 11.51
N GLY A 1 -13.65 -0.08 1.85
CA GLY A 1 -13.50 -0.24 0.38
C GLY A 1 -12.07 0.09 -0.04
N CYS A 2 -11.10 -0.56 0.55
CA CYS A 2 -9.68 -0.27 0.19
C CYS A 2 -8.79 -1.49 0.47
N LYS A 3 -7.50 -1.37 0.26
CA LYS A 3 -6.58 -2.52 0.51
C LYS A 3 -6.03 -2.44 1.94
N GLY A 4 -5.57 -3.55 2.47
CA GLY A 4 -5.02 -3.56 3.85
C GLY A 4 -3.52 -3.89 3.82
N PHE A 5 -3.18 -5.15 3.82
CA PHE A 5 -1.74 -5.54 3.79
C PHE A 5 -1.51 -6.65 2.75
N GLY A 6 -0.41 -6.56 2.03
CA GLY A 6 -0.12 -7.59 0.99
C GLY A 6 -0.95 -7.34 -0.27
N ASP A 7 -1.59 -6.21 -0.38
CA ASP A 7 -2.44 -5.91 -1.58
C ASP A 7 -1.61 -5.20 -2.66
N SER A 8 -1.88 -5.47 -3.91
CA SER A 8 -1.10 -4.81 -5.01
C SER A 8 -1.51 -3.33 -5.14
N CYS A 9 -0.83 -2.46 -4.45
CA CYS A 9 -1.16 -1.00 -4.54
C CYS A 9 -0.14 -0.27 -5.42
N THR A 10 -0.47 0.92 -5.86
CA THR A 10 0.47 1.69 -6.73
C THR A 10 1.12 2.82 -5.92
N PRO A 11 2.44 2.84 -5.93
CA PRO A 11 3.18 3.89 -5.19
C PRO A 11 3.03 5.23 -5.89
N GLY A 12 2.60 6.24 -5.16
CA GLY A 12 2.40 7.59 -5.77
C GLY A 12 0.91 7.79 -6.03
N LYS A 13 0.17 6.73 -6.19
CA LYS A 13 -1.31 6.86 -6.44
C LYS A 13 -2.10 6.67 -5.14
N ASN A 14 -1.52 6.00 -4.15
CA ASN A 14 -2.23 5.78 -2.86
C ASN A 14 -3.53 4.98 -3.08
N GLU A 15 -3.41 3.74 -3.50
CA GLU A 15 -4.63 2.90 -3.73
C GLU A 15 -5.04 2.18 -2.44
N CYS A 16 -4.15 2.10 -1.47
CA CYS A 16 -4.49 1.41 -0.19
C CYS A 16 -5.13 2.39 0.79
N CYS A 17 -5.65 1.89 1.89
CA CYS A 17 -6.28 2.79 2.91
C CYS A 17 -5.21 3.65 3.60
N PRO A 18 -5.65 4.67 4.31
CA PRO A 18 -4.72 5.57 5.03
C PRO A 18 -4.19 4.93 6.32
N ASN A 19 -3.76 3.69 6.24
CA ASN A 19 -3.22 2.98 7.43
C ASN A 19 -1.98 2.17 7.03
N TYR A 20 -1.50 2.33 5.82
CA TYR A 20 -0.30 1.57 5.35
C TYR A 20 0.56 2.45 4.42
N ALA A 21 1.68 1.94 3.98
CA ALA A 21 2.55 2.72 3.06
C ALA A 21 2.86 1.90 1.80
N CYS A 22 2.27 2.26 0.68
CA CYS A 22 2.52 1.50 -0.58
C CYS A 22 3.99 1.67 -1.01
N SER A 23 4.74 0.60 -1.04
CA SER A 23 6.17 0.69 -1.43
C SER A 23 6.32 0.53 -2.95
N SER A 24 7.45 0.94 -3.49
CA SER A 24 7.68 0.83 -4.97
C SER A 24 8.32 -0.53 -5.31
N LYS A 25 9.42 -0.85 -4.69
CA LYS A 25 10.09 -2.16 -4.96
C LYS A 25 9.16 -3.31 -4.56
N HIS A 26 8.50 -3.18 -3.45
CA HIS A 26 7.54 -4.24 -2.99
C HIS A 26 6.26 -4.19 -3.81
N LYS A 27 5.82 -3.00 -4.16
CA LYS A 27 4.57 -2.83 -4.98
C LYS A 27 3.32 -3.33 -4.23
N TRP A 28 3.43 -3.61 -2.94
CA TRP A 28 2.22 -4.08 -2.19
C TRP A 28 1.98 -3.18 -0.97
N CYS A 29 0.85 -3.34 -0.32
CA CYS A 29 0.54 -2.49 0.86
C CYS A 29 1.24 -3.03 2.12
N LYS A 30 2.09 -2.22 2.71
CA LYS A 30 2.80 -2.66 3.95
C LYS A 30 2.56 -1.65 5.07
N VAL A 31 2.73 -2.04 6.31
CA VAL A 31 2.51 -1.08 7.43
C VAL A 31 3.60 0.00 7.45
N TYR A 32 3.43 1.02 8.24
CA TYR A 32 4.45 2.11 8.31
C TYR A 32 5.78 1.58 8.85
N LEU A 33 5.72 0.71 9.83
CA LEU A 33 6.98 0.13 10.41
C LEU A 33 7.05 -1.37 10.12
N GLY A 1 -13.56 0.75 -0.86
CA GLY A 1 -12.93 1.40 0.31
C GLY A 1 -11.42 1.49 0.12
N CYS A 2 -10.68 0.61 0.76
CA CYS A 2 -9.19 0.63 0.61
C CYS A 2 -8.62 -0.78 0.76
N LYS A 3 -7.42 -1.01 0.28
CA LYS A 3 -6.80 -2.36 0.39
C LYS A 3 -6.16 -2.53 1.77
N GLY A 4 -5.77 -3.74 2.13
CA GLY A 4 -5.15 -3.97 3.47
C GLY A 4 -3.63 -4.03 3.36
N PHE A 5 -3.05 -5.20 3.50
CA PHE A 5 -1.57 -5.33 3.42
C PHE A 5 -1.18 -6.39 2.38
N GLY A 6 -0.06 -6.20 1.71
CA GLY A 6 0.37 -7.19 0.67
C GLY A 6 -0.54 -7.11 -0.56
N ASP A 7 -1.35 -6.08 -0.66
CA ASP A 7 -2.27 -5.93 -1.84
C ASP A 7 -1.58 -5.14 -2.95
N SER A 8 -1.81 -5.51 -4.18
CA SER A 8 -1.19 -4.77 -5.32
C SER A 8 -1.64 -3.30 -5.33
N CYS A 9 -0.72 -2.39 -5.18
CA CYS A 9 -1.09 -0.93 -5.18
C CYS A 9 0.03 -0.09 -5.80
N THR A 10 -0.31 1.03 -6.38
CA THR A 10 0.73 1.90 -7.01
C THR A 10 1.38 2.80 -5.96
N PRO A 11 2.69 2.83 -5.96
CA PRO A 11 3.43 3.68 -4.99
C PRO A 11 3.27 5.16 -5.36
N GLY A 12 2.88 5.97 -4.42
CA GLY A 12 2.68 7.43 -4.70
C GLY A 12 1.18 7.70 -4.85
N LYS A 13 0.41 6.70 -5.24
CA LYS A 13 -1.06 6.89 -5.40
C LYS A 13 -1.79 6.54 -4.10
N ASN A 14 -1.17 5.76 -3.22
CA ASN A 14 -1.82 5.37 -1.93
C ASN A 14 -3.16 4.66 -2.19
N GLU A 15 -3.11 3.49 -2.79
CA GLU A 15 -4.37 2.73 -3.06
C GLU A 15 -4.90 2.08 -1.78
N CYS A 16 -4.04 1.86 -0.82
CA CYS A 16 -4.48 1.23 0.46
C CYS A 16 -5.05 2.29 1.41
N CYS A 17 -5.44 1.88 2.60
CA CYS A 17 -6.01 2.87 3.59
C CYS A 17 -4.88 3.78 4.11
N PRO A 18 -5.27 4.77 4.89
CA PRO A 18 -4.28 5.72 5.45
C PRO A 18 -3.50 5.09 6.62
N ASN A 19 -3.00 3.91 6.42
CA ASN A 19 -2.21 3.22 7.47
C ASN A 19 -1.14 2.32 6.82
N TYR A 20 -0.84 2.55 5.55
CA TYR A 20 0.19 1.73 4.86
C TYR A 20 1.02 2.60 3.91
N ALA A 21 2.06 2.04 3.36
CA ALA A 21 2.93 2.80 2.41
C ALA A 21 3.25 1.93 1.19
N CYS A 22 2.64 2.23 0.06
CA CYS A 22 2.89 1.42 -1.17
C CYS A 22 4.36 1.55 -1.60
N SER A 23 5.07 0.45 -1.65
CA SER A 23 6.50 0.49 -2.06
C SER A 23 6.65 0.30 -3.57
N SER A 24 7.76 0.72 -4.13
CA SER A 24 7.97 0.56 -5.60
C SER A 24 8.59 -0.81 -5.88
N LYS A 25 9.56 -1.21 -5.11
CA LYS A 25 10.21 -2.53 -5.31
C LYS A 25 9.22 -3.66 -5.00
N HIS A 26 8.49 -3.53 -3.93
CA HIS A 26 7.49 -4.58 -3.55
C HIS A 26 6.23 -4.44 -4.41
N LYS A 27 5.89 -3.22 -4.76
CA LYS A 27 4.67 -2.96 -5.61
C LYS A 27 3.37 -3.32 -4.88
N TRP A 28 3.42 -3.56 -3.58
CA TRP A 28 2.16 -3.88 -2.84
C TRP A 28 2.02 -3.01 -1.60
N CYS A 29 1.01 -3.25 -0.80
CA CYS A 29 0.80 -2.41 0.43
C CYS A 29 1.75 -2.82 1.55
N LYS A 30 2.52 -1.90 2.05
CA LYS A 30 3.47 -2.22 3.17
C LYS A 30 3.11 -1.38 4.39
N VAL A 31 3.53 -1.78 5.56
CA VAL A 31 3.20 -0.99 6.78
C VAL A 31 4.31 0.05 7.04
N TYR A 32 3.97 1.12 7.71
CA TYR A 32 4.98 2.19 7.99
C TYR A 32 5.34 2.23 9.48
N LEU A 33 4.48 1.71 10.34
CA LEU A 33 4.78 1.73 11.80
C LEU A 33 5.75 0.60 12.17
N GLY A 1 -13.40 0.17 -0.70
CA GLY A 1 -12.78 1.40 -0.12
C GLY A 1 -11.29 1.44 -0.47
N CYS A 2 -10.47 0.77 0.30
CA CYS A 2 -9.00 0.78 0.01
C CYS A 2 -8.39 -0.59 0.34
N LYS A 3 -7.15 -0.82 -0.05
CA LYS A 3 -6.49 -2.13 0.22
C LYS A 3 -5.96 -2.19 1.66
N GLY A 4 -5.78 -3.38 2.18
CA GLY A 4 -5.26 -3.53 3.58
C GLY A 4 -3.74 -3.74 3.54
N PHE A 5 -3.29 -4.95 3.71
CA PHE A 5 -1.82 -5.23 3.70
C PHE A 5 -1.49 -6.32 2.67
N GLY A 6 -0.39 -6.19 1.99
CA GLY A 6 0.01 -7.22 0.96
C GLY A 6 -0.87 -7.08 -0.29
N ASP A 7 -1.59 -5.99 -0.43
CA ASP A 7 -2.47 -5.81 -1.62
C ASP A 7 -1.70 -5.10 -2.74
N SER A 8 -2.06 -5.35 -3.98
CA SER A 8 -1.36 -4.69 -5.12
C SER A 8 -1.75 -3.21 -5.20
N CYS A 9 -0.98 -2.35 -4.59
CA CYS A 9 -1.28 -0.89 -4.63
C CYS A 9 -0.30 -0.16 -5.55
N THR A 10 -0.68 0.99 -6.06
CA THR A 10 0.24 1.74 -6.97
C THR A 10 1.01 2.80 -6.18
N PRO A 11 2.32 2.81 -6.35
CA PRO A 11 3.16 3.81 -5.65
C PRO A 11 2.95 5.19 -6.25
N GLY A 12 2.66 6.16 -5.42
CA GLY A 12 2.41 7.54 -5.92
C GLY A 12 0.91 7.81 -5.86
N LYS A 13 0.09 6.80 -5.98
CA LYS A 13 -1.39 7.00 -5.91
C LYS A 13 -1.91 6.67 -4.50
N ASN A 14 -1.21 5.80 -3.79
CA ASN A 14 -1.64 5.42 -2.40
C ASN A 14 -3.08 4.86 -2.41
N GLU A 15 -3.31 3.83 -3.18
CA GLU A 15 -4.68 3.23 -3.24
C GLU A 15 -4.97 2.43 -1.96
N CYS A 16 -3.96 2.08 -1.21
CA CYS A 16 -4.18 1.31 0.06
C CYS A 16 -4.84 2.20 1.12
N CYS A 17 -5.33 1.62 2.18
CA CYS A 17 -5.98 2.42 3.26
C CYS A 17 -4.95 3.33 3.92
N PRO A 18 -5.43 4.29 4.69
CA PRO A 18 -4.52 5.25 5.38
C PRO A 18 -3.88 4.59 6.62
N ASN A 19 -3.37 3.40 6.47
CA ASN A 19 -2.69 2.70 7.60
C ASN A 19 -1.48 1.91 7.08
N TYR A 20 -1.07 2.16 5.85
CA TYR A 20 0.09 1.43 5.28
C TYR A 20 0.88 2.34 4.33
N ALA A 21 1.94 1.84 3.76
CA ALA A 21 2.75 2.65 2.81
C ALA A 21 3.01 1.83 1.53
N CYS A 22 2.39 2.21 0.44
CA CYS A 22 2.58 1.46 -0.83
C CYS A 22 4.05 1.51 -1.28
N SER A 23 4.72 0.38 -1.25
CA SER A 23 6.15 0.36 -1.67
C SER A 23 6.27 0.22 -3.19
N SER A 24 7.34 0.71 -3.76
CA SER A 24 7.52 0.61 -5.24
C SER A 24 8.30 -0.67 -5.60
N LYS A 25 9.25 -1.05 -4.76
CA LYS A 25 10.03 -2.30 -5.04
C LYS A 25 9.14 -3.53 -4.92
N HIS A 26 8.32 -3.57 -3.90
CA HIS A 26 7.41 -4.74 -3.70
C HIS A 26 6.07 -4.48 -4.42
N LYS A 27 5.71 -3.23 -4.61
CA LYS A 27 4.43 -2.87 -5.32
C LYS A 27 3.19 -3.25 -4.49
N TRP A 28 3.34 -3.65 -3.25
CA TRP A 28 2.12 -3.98 -2.44
C TRP A 28 2.07 -3.15 -1.16
N CYS A 29 0.99 -3.25 -0.42
CA CYS A 29 0.84 -2.45 0.84
C CYS A 29 1.85 -2.91 1.91
N LYS A 30 2.66 -1.99 2.39
CA LYS A 30 3.66 -2.34 3.45
C LYS A 30 3.43 -1.47 4.68
N VAL A 31 3.53 -2.03 5.86
CA VAL A 31 3.31 -1.21 7.10
C VAL A 31 4.45 -0.20 7.25
N TYR A 32 4.21 0.85 7.99
CA TYR A 32 5.27 1.89 8.20
C TYR A 32 5.76 1.89 9.65
N LEU A 33 4.92 1.52 10.59
CA LEU A 33 5.35 1.49 12.02
C LEU A 33 5.69 0.05 12.45
N GLY A 1 -13.47 2.27 0.30
CA GLY A 1 -12.86 0.94 0.06
C GLY A 1 -11.37 1.11 -0.26
N CYS A 2 -10.52 0.36 0.42
CA CYS A 2 -9.04 0.48 0.17
C CYS A 2 -8.37 -0.89 0.30
N LYS A 3 -7.19 -1.04 -0.25
CA LYS A 3 -6.46 -2.35 -0.18
C LYS A 3 -6.12 -2.69 1.29
N GLY A 4 -5.99 -3.95 1.60
CA GLY A 4 -5.67 -4.36 3.00
C GLY A 4 -4.15 -4.50 3.17
N PHE A 5 -3.67 -5.71 3.30
CA PHE A 5 -2.19 -5.92 3.48
C PHE A 5 -1.66 -6.88 2.42
N GLY A 6 -0.49 -6.61 1.89
CA GLY A 6 0.09 -7.50 0.84
C GLY A 6 -0.68 -7.35 -0.48
N ASP A 7 -1.37 -6.25 -0.65
CA ASP A 7 -2.15 -6.04 -1.91
C ASP A 7 -1.27 -5.31 -2.95
N SER A 8 -1.56 -5.48 -4.21
CA SER A 8 -0.74 -4.79 -5.25
C SER A 8 -1.12 -3.31 -5.33
N CYS A 9 -0.56 -2.50 -4.45
CA CYS A 9 -0.90 -1.04 -4.46
C CYS A 9 0.17 -0.24 -5.21
N THR A 10 -0.12 0.99 -5.53
CA THR A 10 0.86 1.85 -6.26
C THR A 10 1.38 2.94 -5.32
N PRO A 11 2.68 3.03 -5.21
CA PRO A 11 3.30 4.05 -4.33
C PRO A 11 3.08 5.45 -4.92
N GLY A 12 2.53 6.34 -4.14
CA GLY A 12 2.26 7.72 -4.64
C GLY A 12 0.77 7.86 -4.96
N LYS A 13 0.09 6.75 -5.21
CA LYS A 13 -1.36 6.82 -5.53
C LYS A 13 -2.21 6.60 -4.26
N ASN A 14 -1.64 6.00 -3.23
CA ASN A 14 -2.40 5.75 -1.97
C ASN A 14 -3.63 4.86 -2.25
N GLU A 15 -3.41 3.62 -2.59
CA GLU A 15 -4.55 2.70 -2.89
C GLU A 15 -5.01 1.98 -1.61
N CYS A 16 -4.12 1.76 -0.68
CA CYS A 16 -4.49 1.05 0.58
C CYS A 16 -5.20 2.02 1.55
N CYS A 17 -5.58 1.53 2.71
CA CYS A 17 -6.25 2.40 3.72
C CYS A 17 -5.21 3.31 4.39
N PRO A 18 -5.68 4.22 5.22
CA PRO A 18 -4.76 5.14 5.92
C PRO A 18 -4.04 4.45 7.10
N ASN A 19 -3.50 3.30 6.86
CA ASN A 19 -2.76 2.56 7.93
C ASN A 19 -1.67 1.69 7.29
N TYR A 20 -1.32 1.94 6.04
CA TYR A 20 -0.27 1.11 5.37
C TYR A 20 0.56 1.97 4.40
N ALA A 21 1.81 1.63 4.23
CA ALA A 21 2.68 2.38 3.28
C ALA A 21 2.95 1.52 2.04
N CYS A 22 2.44 1.92 0.91
CA CYS A 22 2.65 1.12 -0.33
C CYS A 22 4.15 1.06 -0.68
N SER A 23 4.69 -0.13 -0.75
CA SER A 23 6.15 -0.27 -1.08
C SER A 23 6.38 -0.11 -2.58
N SER A 24 7.57 0.31 -2.96
CA SER A 24 7.87 0.50 -4.42
C SER A 24 8.77 -0.63 -4.95
N LYS A 25 9.24 -1.51 -4.09
CA LYS A 25 10.12 -2.63 -4.56
C LYS A 25 9.30 -3.64 -5.37
N HIS A 26 8.23 -4.13 -4.79
CA HIS A 26 7.37 -5.11 -5.52
C HIS A 26 5.94 -4.58 -5.66
N LYS A 27 5.73 -3.30 -5.39
CA LYS A 27 4.36 -2.70 -5.51
C LYS A 27 3.37 -3.37 -4.55
N TRP A 28 3.81 -3.80 -3.39
CA TRP A 28 2.87 -4.45 -2.42
C TRP A 28 2.60 -3.49 -1.25
N CYS A 29 1.61 -3.79 -0.44
CA CYS A 29 1.29 -2.88 0.70
C CYS A 29 1.73 -3.48 2.04
N LYS A 30 2.20 -2.64 2.93
CA LYS A 30 2.64 -3.11 4.28
C LYS A 30 2.39 -2.01 5.32
N VAL A 31 2.63 -2.28 6.58
CA VAL A 31 2.39 -1.25 7.64
C VAL A 31 3.31 -0.04 7.42
N TYR A 32 2.90 1.11 7.89
CA TYR A 32 3.74 2.34 7.74
C TYR A 32 4.88 2.36 8.76
N LEU A 33 4.56 2.16 10.02
CA LEU A 33 5.62 2.16 11.07
C LEU A 33 6.06 0.71 11.36
N GLY A 1 -13.38 -1.90 -1.02
CA GLY A 1 -13.12 -0.49 -0.57
C GLY A 1 -11.63 -0.18 -0.70
N CYS A 2 -10.81 -0.68 0.19
CA CYS A 2 -9.34 -0.41 0.12
C CYS A 2 -8.55 -1.67 0.43
N LYS A 3 -7.24 -1.62 0.27
CA LYS A 3 -6.40 -2.82 0.57
C LYS A 3 -5.93 -2.78 2.03
N GLY A 4 -5.47 -3.91 2.54
CA GLY A 4 -4.99 -3.95 3.96
C GLY A 4 -3.47 -4.13 3.99
N PHE A 5 -3.01 -5.36 3.89
CA PHE A 5 -1.54 -5.61 3.91
C PHE A 5 -1.19 -6.75 2.95
N GLY A 6 -0.17 -6.57 2.14
CA GLY A 6 0.24 -7.63 1.17
C GLY A 6 -0.50 -7.43 -0.17
N ASP A 7 -1.54 -6.63 -0.19
CA ASP A 7 -2.29 -6.39 -1.47
C ASP A 7 -1.47 -5.49 -2.40
N SER A 8 -1.50 -5.77 -3.68
CA SER A 8 -0.72 -4.93 -4.63
C SER A 8 -1.36 -3.53 -4.75
N CYS A 9 -0.68 -2.52 -4.28
CA CYS A 9 -1.25 -1.13 -4.37
C CYS A 9 -0.28 -0.22 -5.11
N THR A 10 -0.78 0.78 -5.79
CA THR A 10 0.11 1.72 -6.55
C THR A 10 0.78 2.71 -5.59
N PRO A 11 2.10 2.67 -5.56
CA PRO A 11 2.87 3.58 -4.69
C PRO A 11 2.82 5.00 -5.25
N GLY A 12 2.46 5.96 -4.43
CA GLY A 12 2.37 7.37 -4.92
C GLY A 12 0.90 7.73 -5.16
N LYS A 13 0.08 6.76 -5.44
CA LYS A 13 -1.38 7.04 -5.68
C LYS A 13 -2.21 6.72 -4.43
N ASN A 14 -1.61 6.13 -3.42
CA ASN A 14 -2.35 5.79 -2.17
C ASN A 14 -3.58 4.91 -2.49
N GLU A 15 -3.36 3.81 -3.18
CA GLU A 15 -4.51 2.91 -3.53
C GLU A 15 -4.96 2.12 -2.29
N CYS A 16 -4.06 1.87 -1.37
CA CYS A 16 -4.42 1.13 -0.12
C CYS A 16 -5.19 2.05 0.84
N CYS A 17 -5.72 1.50 1.91
CA CYS A 17 -6.47 2.34 2.89
C CYS A 17 -5.54 3.41 3.50
N PRO A 18 -6.14 4.40 4.12
CA PRO A 18 -5.35 5.49 4.75
C PRO A 18 -4.77 5.04 6.10
N ASN A 19 -4.21 3.88 6.14
CA ASN A 19 -3.59 3.35 7.39
C ASN A 19 -2.36 2.50 7.04
N TYR A 20 -1.84 2.63 5.84
CA TYR A 20 -0.64 1.83 5.43
C TYR A 20 0.28 2.66 4.53
N ALA A 21 1.26 2.02 3.93
CA ALA A 21 2.20 2.72 3.03
C ALA A 21 2.57 1.80 1.86
N CYS A 22 2.27 2.21 0.65
CA CYS A 22 2.58 1.35 -0.53
C CYS A 22 4.10 1.25 -0.73
N SER A 23 4.58 0.08 -1.07
CA SER A 23 6.05 -0.11 -1.29
C SER A 23 6.39 0.00 -2.77
N SER A 24 7.62 0.33 -3.09
CA SER A 24 8.04 0.44 -4.52
C SER A 24 8.89 -0.77 -4.94
N LYS A 25 9.25 -1.62 -4.02
CA LYS A 25 10.08 -2.81 -4.37
C LYS A 25 9.28 -3.80 -5.24
N HIS A 26 8.08 -4.11 -4.82
CA HIS A 26 7.22 -5.06 -5.61
C HIS A 26 5.78 -4.54 -5.68
N LYS A 27 5.57 -3.27 -5.41
CA LYS A 27 4.19 -2.67 -5.47
C LYS A 27 3.22 -3.42 -4.54
N TRP A 28 3.43 -3.35 -3.25
CA TRP A 28 2.50 -4.04 -2.30
C TRP A 28 2.18 -3.11 -1.12
N CYS A 29 1.08 -3.35 -0.44
CA CYS A 29 0.69 -2.48 0.71
C CYS A 29 1.29 -3.00 2.02
N LYS A 30 1.74 -2.12 2.86
CA LYS A 30 2.32 -2.55 4.17
C LYS A 30 2.29 -1.40 5.18
N VAL A 31 2.34 -1.70 6.45
CA VAL A 31 2.30 -0.64 7.49
C VAL A 31 3.50 0.31 7.35
N TYR A 32 3.44 1.46 7.96
CA TYR A 32 4.57 2.43 7.88
C TYR A 32 5.86 1.82 8.45
N LEU A 33 5.74 1.02 9.48
CA LEU A 33 6.95 0.39 10.08
C LEU A 33 6.94 -1.13 9.84
N GLY A 1 -13.14 1.62 1.75
CA GLY A 1 -12.84 1.43 0.30
C GLY A 1 -11.32 1.52 0.07
N CYS A 2 -10.57 0.60 0.63
CA CYS A 2 -9.08 0.64 0.45
C CYS A 2 -8.50 -0.78 0.62
N LYS A 3 -7.27 -0.97 0.20
CA LYS A 3 -6.62 -2.31 0.34
C LYS A 3 -6.19 -2.55 1.79
N GLY A 4 -5.93 -3.79 2.14
CA GLY A 4 -5.50 -4.10 3.55
C GLY A 4 -3.98 -4.22 3.60
N PHE A 5 -3.48 -5.42 3.80
CA PHE A 5 -2.01 -5.63 3.87
C PHE A 5 -1.57 -6.68 2.85
N GLY A 6 -0.48 -6.44 2.15
CA GLY A 6 0.00 -7.42 1.14
C GLY A 6 -0.84 -7.30 -0.14
N ASP A 7 -1.52 -6.20 -0.32
CA ASP A 7 -2.36 -6.03 -1.55
C ASP A 7 -1.54 -5.38 -2.66
N SER A 8 -1.88 -5.64 -3.90
CA SER A 8 -1.11 -5.05 -5.03
C SER A 8 -1.53 -3.59 -5.25
N CYS A 9 -0.78 -2.65 -4.71
CA CYS A 9 -1.14 -1.21 -4.87
C CYS A 9 -0.05 -0.49 -5.69
N THR A 10 -0.41 0.57 -6.37
CA THR A 10 0.59 1.32 -7.19
C THR A 10 1.41 2.26 -6.29
N PRO A 11 2.71 2.24 -6.47
CA PRO A 11 3.60 3.11 -5.67
C PRO A 11 3.45 4.56 -6.11
N GLY A 12 3.22 5.45 -5.18
CA GLY A 12 3.03 6.89 -5.53
C GLY A 12 1.53 7.21 -5.46
N LYS A 13 0.69 6.23 -5.70
CA LYS A 13 -0.78 6.46 -5.64
C LYS A 13 -1.30 6.17 -4.24
N ASN A 14 -0.74 5.18 -3.57
CA ASN A 14 -1.17 4.82 -2.19
C ASN A 14 -2.69 4.59 -2.14
N GLU A 15 -3.14 3.51 -2.73
CA GLU A 15 -4.61 3.21 -2.73
C GLU A 15 -5.03 2.57 -1.40
N CYS A 16 -4.08 2.09 -0.62
CA CYS A 16 -4.42 1.46 0.69
C CYS A 16 -4.94 2.52 1.68
N CYS A 17 -5.49 2.09 2.79
CA CYS A 17 -5.99 3.07 3.80
C CYS A 17 -4.81 3.79 4.47
N PRO A 18 -5.11 4.71 5.36
CA PRO A 18 -4.03 5.47 6.06
C PRO A 18 -3.37 4.62 7.16
N ASN A 19 -3.06 3.39 6.85
CA ASN A 19 -2.39 2.49 7.84
C ASN A 19 -1.38 1.59 7.11
N TYR A 20 -1.06 1.90 5.87
CA TYR A 20 -0.09 1.06 5.10
C TYR A 20 0.69 1.93 4.12
N ALA A 21 1.99 1.76 4.05
CA ALA A 21 2.81 2.57 3.11
C ALA A 21 3.11 1.74 1.85
N CYS A 22 2.52 2.10 0.73
CA CYS A 22 2.76 1.34 -0.54
C CYS A 22 4.23 1.42 -0.94
N SER A 23 4.89 0.29 -1.01
CA SER A 23 6.35 0.29 -1.39
C SER A 23 6.51 0.41 -2.91
N SER A 24 7.68 0.80 -3.36
CA SER A 24 7.92 0.95 -4.83
C SER A 24 8.53 -0.34 -5.39
N LYS A 25 9.56 -0.85 -4.76
CA LYS A 25 10.20 -2.11 -5.25
C LYS A 25 9.27 -3.30 -5.02
N HIS A 26 8.62 -3.34 -3.88
CA HIS A 26 7.68 -4.46 -3.58
C HIS A 26 6.34 -4.22 -4.28
N LYS A 27 5.95 -2.97 -4.42
CA LYS A 27 4.67 -2.61 -5.12
C LYS A 27 3.43 -3.14 -4.38
N TRP A 28 3.53 -3.43 -3.09
CA TRP A 28 2.32 -3.91 -2.36
C TRP A 28 2.09 -3.08 -1.08
N CYS A 29 0.94 -3.24 -0.47
CA CYS A 29 0.63 -2.45 0.76
C CYS A 29 1.49 -2.90 1.94
N LYS A 30 2.44 -2.10 2.34
CA LYS A 30 3.32 -2.45 3.50
C LYS A 30 2.79 -1.74 4.75
N VAL A 31 3.18 -2.18 5.92
CA VAL A 31 2.68 -1.52 7.16
C VAL A 31 3.41 -0.18 7.38
N TYR A 32 2.68 0.83 7.81
CA TYR A 32 3.33 2.16 8.05
C TYR A 32 4.00 2.18 9.42
N LEU A 33 3.37 1.62 10.42
CA LEU A 33 3.97 1.60 11.79
C LEU A 33 4.98 0.44 11.90
N GLY A 1 -13.93 -1.11 -0.18
CA GLY A 1 -12.92 -1.56 0.83
C GLY A 1 -11.51 -1.30 0.30
N CYS A 2 -10.68 -0.66 1.07
CA CYS A 2 -9.28 -0.37 0.61
C CYS A 2 -8.41 -1.63 0.72
N LYS A 3 -7.25 -1.61 0.10
CA LYS A 3 -6.34 -2.80 0.18
C LYS A 3 -5.85 -2.98 1.62
N GLY A 4 -5.57 -4.19 2.01
CA GLY A 4 -5.08 -4.44 3.41
C GLY A 4 -3.56 -4.50 3.43
N PHE A 5 -3.00 -5.66 3.66
CA PHE A 5 -1.51 -5.80 3.69
C PHE A 5 -1.04 -6.79 2.63
N GLY A 6 0.03 -6.47 1.93
CA GLY A 6 0.56 -7.37 0.87
C GLY A 6 -0.30 -7.25 -0.40
N ASP A 7 -1.03 -6.18 -0.55
CA ASP A 7 -1.89 -6.02 -1.76
C ASP A 7 -1.13 -5.27 -2.86
N SER A 8 -1.37 -5.62 -4.11
CA SER A 8 -0.66 -4.93 -5.24
C SER A 8 -1.22 -3.51 -5.40
N CYS A 9 -0.59 -2.54 -4.80
CA CYS A 9 -1.08 -1.13 -4.91
C CYS A 9 -0.08 -0.27 -5.70
N THR A 10 -0.49 0.90 -6.11
CA THR A 10 0.43 1.79 -6.88
C THR A 10 1.21 2.71 -5.93
N PRO A 11 2.51 2.74 -6.09
CA PRO A 11 3.38 3.59 -5.24
C PRO A 11 3.18 5.06 -5.62
N GLY A 12 2.90 5.90 -4.66
CA GLY A 12 2.67 7.35 -4.96
C GLY A 12 1.16 7.61 -4.97
N LYS A 13 0.36 6.60 -5.24
CA LYS A 13 -1.12 6.80 -5.26
C LYS A 13 -1.73 6.36 -3.92
N ASN A 14 -1.13 5.39 -3.26
CA ASN A 14 -1.65 4.90 -1.95
C ASN A 14 -3.10 4.42 -2.09
N GLU A 15 -3.29 3.28 -2.73
CA GLU A 15 -4.67 2.74 -2.92
C GLU A 15 -5.20 2.15 -1.59
N CYS A 16 -4.32 1.77 -0.70
CA CYS A 16 -4.77 1.20 0.61
C CYS A 16 -5.38 2.29 1.50
N CYS A 17 -5.83 1.93 2.68
CA CYS A 17 -6.44 2.94 3.60
C CYS A 17 -5.37 3.94 4.07
N PRO A 18 -5.81 4.95 4.79
CA PRO A 18 -4.86 5.99 5.29
C PRO A 18 -4.06 5.48 6.51
N ASN A 19 -3.52 4.30 6.40
CA ASN A 19 -2.71 3.72 7.51
C ASN A 19 -1.68 2.74 6.93
N TYR A 20 -1.39 2.85 5.65
CA TYR A 20 -0.41 1.92 5.01
C TYR A 20 0.47 2.69 4.01
N ALA A 21 1.65 2.18 3.72
CA ALA A 21 2.55 2.85 2.75
C ALA A 21 2.81 1.91 1.56
N CYS A 22 2.49 2.34 0.37
CA CYS A 22 2.70 1.47 -0.84
C CYS A 22 4.20 1.33 -1.13
N SER A 23 4.65 0.14 -1.44
CA SER A 23 6.10 -0.09 -1.73
C SER A 23 6.38 0.12 -3.24
N SER A 24 7.61 0.38 -3.59
CA SER A 24 7.95 0.59 -5.03
C SER A 24 8.82 -0.57 -5.58
N LYS A 25 9.36 -1.41 -4.72
CA LYS A 25 10.20 -2.54 -5.22
C LYS A 25 9.32 -3.59 -5.91
N HIS A 26 8.27 -4.02 -5.27
CA HIS A 26 7.35 -5.02 -5.89
C HIS A 26 5.92 -4.48 -5.96
N LYS A 27 5.74 -3.20 -5.70
CA LYS A 27 4.36 -2.59 -5.75
C LYS A 27 3.39 -3.27 -4.78
N TRP A 28 3.81 -3.50 -3.56
CA TRP A 28 2.90 -4.16 -2.57
C TRP A 28 2.61 -3.19 -1.41
N CYS A 29 1.50 -3.36 -0.75
CA CYS A 29 1.15 -2.44 0.38
C CYS A 29 1.68 -2.98 1.72
N LYS A 30 2.14 -2.09 2.56
CA LYS A 30 2.67 -2.51 3.89
C LYS A 30 2.43 -1.40 4.92
N VAL A 31 2.53 -1.69 6.18
CA VAL A 31 2.30 -0.64 7.22
C VAL A 31 3.44 0.39 7.19
N TYR A 32 3.21 1.55 7.73
CA TYR A 32 4.27 2.61 7.74
C TYR A 32 4.95 2.68 9.11
N LEU A 33 4.31 2.18 10.15
CA LEU A 33 4.94 2.21 11.51
C LEU A 33 5.95 1.08 11.66
N GLY A 1 -13.05 0.64 2.80
CA GLY A 1 -13.11 0.37 1.33
C GLY A 1 -11.76 0.64 0.69
N CYS A 2 -10.73 -0.09 1.10
CA CYS A 2 -9.37 0.12 0.52
C CYS A 2 -8.49 -1.11 0.78
N LYS A 3 -7.34 -1.18 0.15
CA LYS A 3 -6.42 -2.34 0.35
C LYS A 3 -5.83 -2.32 1.77
N GLY A 4 -5.57 -3.47 2.33
CA GLY A 4 -4.99 -3.54 3.71
C GLY A 4 -3.48 -3.69 3.64
N PHE A 5 -2.97 -4.87 3.92
CA PHE A 5 -1.49 -5.10 3.88
C PHE A 5 -1.16 -6.19 2.86
N GLY A 6 -0.06 -6.05 2.16
CA GLY A 6 0.34 -7.07 1.14
C GLY A 6 -0.53 -6.92 -0.12
N ASP A 7 -1.26 -5.83 -0.24
CA ASP A 7 -2.12 -5.62 -1.44
C ASP A 7 -1.34 -4.87 -2.52
N SER A 8 -1.29 -5.40 -3.72
CA SER A 8 -0.54 -4.72 -4.82
C SER A 8 -1.12 -3.33 -5.08
N CYS A 9 -0.48 -2.30 -4.55
CA CYS A 9 -0.98 -0.91 -4.75
C CYS A 9 0.11 -0.04 -5.37
N THR A 10 -0.27 0.88 -6.23
CA THR A 10 0.74 1.76 -6.88
C THR A 10 1.10 2.93 -5.94
N PRO A 11 2.38 3.16 -5.78
CA PRO A 11 2.84 4.26 -4.89
C PRO A 11 2.55 5.61 -5.55
N GLY A 12 1.90 6.50 -4.83
CA GLY A 12 1.55 7.82 -5.40
C GLY A 12 0.04 7.86 -5.68
N LYS A 13 -0.55 6.72 -5.94
CA LYS A 13 -2.02 6.69 -6.22
C LYS A 13 -2.82 6.66 -4.90
N ASN A 14 -2.20 6.23 -3.82
CA ASN A 14 -2.90 6.17 -2.49
C ASN A 14 -4.19 5.34 -2.59
N GLU A 15 -4.10 4.17 -3.15
CA GLU A 15 -5.31 3.30 -3.27
C GLU A 15 -5.52 2.49 -1.98
N CYS A 16 -4.46 2.22 -1.26
CA CYS A 16 -4.58 1.45 0.02
C CYS A 16 -5.26 2.29 1.10
N CYS A 17 -5.52 1.71 2.25
CA CYS A 17 -6.18 2.48 3.36
C CYS A 17 -5.21 3.53 3.91
N PRO A 18 -5.75 4.51 4.61
CA PRO A 18 -4.91 5.59 5.19
C PRO A 18 -4.19 5.10 6.46
N ASN A 19 -3.58 3.95 6.38
CA ASN A 19 -2.83 3.40 7.55
C ASN A 19 -1.68 2.51 7.03
N TYR A 20 -1.30 2.67 5.78
CA TYR A 20 -0.20 1.84 5.21
C TYR A 20 0.68 2.68 4.27
N ALA A 21 1.71 2.08 3.73
CA ALA A 21 2.62 2.83 2.81
C ALA A 21 2.93 1.95 1.58
N CYS A 22 2.43 2.32 0.43
CA CYS A 22 2.68 1.51 -0.80
C CYS A 22 4.18 1.48 -1.13
N SER A 23 4.74 0.30 -1.25
CA SER A 23 6.20 0.19 -1.56
C SER A 23 6.45 0.37 -3.07
N SER A 24 7.66 0.70 -3.44
CA SER A 24 7.98 0.91 -4.89
C SER A 24 8.52 -0.39 -5.49
N LYS A 25 9.57 -0.94 -4.92
CA LYS A 25 10.14 -2.21 -5.45
C LYS A 25 9.18 -3.38 -5.21
N HIS A 26 8.63 -3.46 -4.02
CA HIS A 26 7.67 -4.56 -3.71
C HIS A 26 6.34 -4.31 -4.42
N LYS A 27 5.97 -3.07 -4.59
CA LYS A 27 4.69 -2.70 -5.31
C LYS A 27 3.44 -3.11 -4.50
N TRP A 28 3.58 -3.45 -3.24
CA TRP A 28 2.37 -3.82 -2.44
C TRP A 28 2.25 -2.94 -1.18
N CYS A 29 1.12 -2.99 -0.52
CA CYS A 29 0.92 -2.14 0.70
C CYS A 29 1.81 -2.61 1.86
N LYS A 30 2.49 -1.69 2.50
CA LYS A 30 3.36 -2.04 3.65
C LYS A 30 3.03 -1.16 4.86
N VAL A 31 2.80 -1.75 6.00
CA VAL A 31 2.46 -0.95 7.22
C VAL A 31 3.57 0.06 7.53
N TYR A 32 3.23 1.17 8.13
CA TYR A 32 4.26 2.20 8.47
C TYR A 32 5.15 1.69 9.61
N LEU A 33 4.56 1.26 10.69
CA LEU A 33 5.37 0.74 11.84
C LEU A 33 5.64 -0.77 11.69
N GLY A 1 -13.76 1.20 1.15
CA GLY A 1 -13.13 -0.02 0.57
C GLY A 1 -11.68 0.27 0.20
N CYS A 2 -10.75 -0.42 0.82
CA CYS A 2 -9.30 -0.19 0.51
C CYS A 2 -8.48 -1.48 0.68
N LYS A 3 -7.31 -1.52 0.11
CA LYS A 3 -6.46 -2.74 0.23
C LYS A 3 -5.89 -2.87 1.64
N GLY A 4 -5.78 -4.07 2.15
CA GLY A 4 -5.25 -4.28 3.53
C GLY A 4 -3.71 -4.36 3.48
N PHE A 5 -3.17 -5.55 3.65
CA PHE A 5 -1.69 -5.72 3.64
C PHE A 5 -1.27 -6.76 2.59
N GLY A 6 -0.29 -6.45 1.78
CA GLY A 6 0.17 -7.43 0.75
C GLY A 6 -0.50 -7.13 -0.60
N ASP A 7 -1.58 -6.39 -0.61
CA ASP A 7 -2.28 -6.08 -1.89
C ASP A 7 -1.37 -5.25 -2.80
N SER A 8 -1.33 -5.57 -4.07
CA SER A 8 -0.45 -4.79 -5.01
C SER A 8 -1.08 -3.43 -5.30
N CYS A 9 -0.43 -2.36 -4.90
CA CYS A 9 -0.97 -1.00 -5.14
C CYS A 9 0.00 -0.18 -5.99
N THR A 10 -0.26 1.09 -6.16
CA THR A 10 0.65 1.95 -6.96
C THR A 10 1.30 3.02 -6.09
N PRO A 11 2.59 3.17 -6.23
CA PRO A 11 3.34 4.19 -5.43
C PRO A 11 2.97 5.60 -5.90
N GLY A 12 2.60 6.45 -4.97
CA GLY A 12 2.19 7.83 -5.34
C GLY A 12 0.66 7.92 -5.32
N LYS A 13 -0.02 6.82 -5.56
CA LYS A 13 -1.51 6.82 -5.55
C LYS A 13 -2.02 6.32 -4.20
N ASN A 14 -1.35 5.34 -3.63
CA ASN A 14 -1.77 4.78 -2.31
C ASN A 14 -3.24 4.31 -2.36
N GLU A 15 -3.46 3.17 -2.98
CA GLU A 15 -4.86 2.63 -3.07
C GLU A 15 -5.19 1.75 -1.85
N CYS A 16 -4.30 1.68 -0.89
CA CYS A 16 -4.57 0.85 0.32
C CYS A 16 -5.34 1.67 1.36
N CYS A 17 -5.67 1.08 2.48
CA CYS A 17 -6.43 1.84 3.53
C CYS A 17 -5.55 2.99 4.07
N PRO A 18 -6.17 3.88 4.80
CA PRO A 18 -5.42 5.04 5.37
C PRO A 18 -4.59 4.64 6.59
N ASN A 19 -3.89 3.54 6.48
CA ASN A 19 -3.01 3.06 7.59
C ASN A 19 -1.83 2.27 7.00
N TYR A 20 -1.55 2.44 5.73
CA TYR A 20 -0.42 1.70 5.09
C TYR A 20 0.26 2.56 4.02
N ALA A 21 1.48 2.24 3.70
CA ALA A 21 2.22 3.01 2.64
C ALA A 21 2.65 2.05 1.53
N CYS A 22 2.34 2.36 0.31
CA CYS A 22 2.74 1.46 -0.83
C CYS A 22 4.27 1.30 -0.86
N SER A 23 4.76 0.12 -1.16
CA SER A 23 6.23 -0.09 -1.21
C SER A 23 6.79 0.24 -2.60
N SER A 24 8.08 0.04 -2.80
CA SER A 24 8.69 0.35 -4.13
C SER A 24 9.29 -0.91 -4.79
N LYS A 25 9.72 -1.87 -4.00
CA LYS A 25 10.32 -3.12 -4.58
C LYS A 25 9.25 -3.89 -5.36
N HIS A 26 8.10 -4.06 -4.77
CA HIS A 26 6.99 -4.79 -5.46
C HIS A 26 5.69 -3.97 -5.39
N LYS A 27 5.74 -2.77 -4.86
CA LYS A 27 4.52 -1.90 -4.77
C LYS A 27 3.36 -2.64 -4.09
N TRP A 28 3.50 -2.93 -2.81
CA TRP A 28 2.39 -3.63 -2.08
C TRP A 28 2.01 -2.84 -0.83
N CYS A 29 0.78 -2.97 -0.39
CA CYS A 29 0.31 -2.21 0.81
C CYS A 29 0.98 -2.74 2.09
N LYS A 30 1.63 -1.87 2.83
CA LYS A 30 2.31 -2.32 4.08
C LYS A 30 2.34 -1.19 5.11
N VAL A 31 2.58 -1.51 6.35
CA VAL A 31 2.60 -0.45 7.41
C VAL A 31 3.81 0.47 7.23
N TYR A 32 3.58 1.77 7.26
CA TYR A 32 4.71 2.74 7.09
C TYR A 32 5.60 2.76 8.34
N LEU A 33 5.11 2.28 9.46
CA LEU A 33 5.93 2.27 10.70
C LEU A 33 6.94 1.10 10.69
N GLY A 1 -13.13 1.99 0.24
CA GLY A 1 -12.65 1.24 -0.97
C GLY A 1 -11.12 1.29 -1.03
N CYS A 2 -10.46 0.51 -0.20
CA CYS A 2 -8.96 0.50 -0.21
C CYS A 2 -8.43 -0.93 -0.02
N LYS A 3 -7.17 -1.14 -0.28
CA LYS A 3 -6.57 -2.50 -0.11
C LYS A 3 -6.02 -2.68 1.31
N GLY A 4 -6.06 -3.88 1.83
CA GLY A 4 -5.56 -4.13 3.21
C GLY A 4 -4.03 -4.19 3.22
N PHE A 5 -3.47 -5.37 3.25
CA PHE A 5 -1.98 -5.51 3.26
C PHE A 5 -1.55 -6.60 2.26
N GLY A 6 -0.50 -6.35 1.52
CA GLY A 6 -0.01 -7.36 0.53
C GLY A 6 -0.83 -7.28 -0.77
N ASP A 7 -1.67 -6.28 -0.92
CA ASP A 7 -2.49 -6.17 -2.16
C ASP A 7 -1.74 -5.33 -3.20
N SER A 8 -1.79 -5.72 -4.45
CA SER A 8 -1.07 -4.95 -5.52
C SER A 8 -1.57 -3.50 -5.58
N CYS A 9 -0.67 -2.56 -5.42
CA CYS A 9 -1.06 -1.12 -5.46
C CYS A 9 0.01 -0.29 -6.19
N THR A 10 -0.25 0.97 -6.41
CA THR A 10 0.76 1.83 -7.11
C THR A 10 1.54 2.68 -6.09
N PRO A 11 2.85 2.57 -6.15
CA PRO A 11 3.71 3.35 -5.22
C PRO A 11 3.64 4.85 -5.57
N GLY A 12 3.35 5.67 -4.60
CA GLY A 12 3.23 7.13 -4.85
C GLY A 12 1.75 7.51 -4.86
N LYS A 13 0.89 6.58 -5.21
CA LYS A 13 -0.58 6.88 -5.22
C LYS A 13 -1.19 6.57 -3.84
N ASN A 14 -0.66 5.57 -3.15
CA ASN A 14 -1.20 5.21 -1.81
C ASN A 14 -2.69 4.86 -1.89
N GLU A 15 -3.03 3.85 -2.65
CA GLU A 15 -4.46 3.45 -2.77
C GLU A 15 -4.84 2.43 -1.70
N CYS A 16 -3.91 2.06 -0.85
CA CYS A 16 -4.22 1.06 0.23
C CYS A 16 -5.03 1.72 1.35
N CYS A 17 -5.49 0.93 2.30
CA CYS A 17 -6.29 1.49 3.43
C CYS A 17 -5.38 2.33 4.35
N PRO A 18 -5.98 2.99 5.33
CA PRO A 18 -5.19 3.83 6.27
C PRO A 18 -4.24 2.96 7.10
N ASN A 19 -3.13 3.53 7.52
CA ASN A 19 -2.10 2.77 8.32
C ASN A 19 -1.26 1.89 7.38
N TYR A 20 -1.38 2.08 6.08
CA TYR A 20 -0.58 1.26 5.13
C TYR A 20 -0.09 2.13 3.96
N ALA A 21 1.16 2.03 3.61
CA ALA A 21 1.70 2.84 2.48
C ALA A 21 2.15 1.91 1.35
N CYS A 22 1.71 2.16 0.14
CA CYS A 22 2.10 1.28 -1.00
C CYS A 22 3.60 1.42 -1.28
N SER A 23 4.34 0.33 -1.21
CA SER A 23 5.80 0.38 -1.46
C SER A 23 6.12 0.11 -2.94
N SER A 24 7.30 0.49 -3.38
CA SER A 24 7.67 0.26 -4.81
C SER A 24 8.44 -1.06 -4.95
N LYS A 25 9.31 -1.36 -4.03
CA LYS A 25 10.09 -2.63 -4.09
C LYS A 25 9.14 -3.83 -3.97
N HIS A 26 8.20 -3.76 -3.07
CA HIS A 26 7.22 -4.89 -2.90
C HIS A 26 6.01 -4.65 -3.82
N LYS A 27 5.73 -3.41 -4.16
CA LYS A 27 4.57 -3.09 -5.06
C LYS A 27 3.23 -3.49 -4.45
N TRP A 28 3.15 -3.64 -3.14
CA TRP A 28 1.84 -4.00 -2.52
C TRP A 28 1.59 -3.15 -1.26
N CYS A 29 0.42 -3.27 -0.68
CA CYS A 29 0.10 -2.47 0.54
C CYS A 29 1.03 -2.83 1.70
N LYS A 30 1.90 -1.93 2.08
CA LYS A 30 2.85 -2.21 3.20
C LYS A 30 2.48 -1.35 4.42
N VAL A 31 3.16 -1.54 5.52
CA VAL A 31 2.86 -0.72 6.73
C VAL A 31 3.71 0.55 6.74
N TYR A 32 3.26 1.58 7.41
CA TYR A 32 4.05 2.86 7.45
C TYR A 32 5.33 2.66 8.28
N LEU A 33 5.27 1.86 9.31
CA LEU A 33 6.48 1.63 10.15
C LEU A 33 6.56 0.15 10.55
#